data_7YCD
#
_entry.id   7YCD
#
_cell.length_a   123.430
_cell.length_b   123.430
_cell.length_c   129.870
_cell.angle_alpha   90.000
_cell.angle_beta   90.000
_cell.angle_gamma   120.000
#
_symmetry.space_group_name_H-M   'P 63'
#
loop_
_entity.id
_entity.type
_entity.pdbx_description
1 polymer 'Hydroxynitrile lyase'
2 non-polymer (2R)-hydroxy(phenyl)ethanenitrile
3 non-polymer 'SULFATE ION'
4 water water
#
_entity_poly.entity_id   1
_entity_poly.type   'polypeptide(L)'
_entity_poly.pdbx_seq_one_letter_code
;MLYYVSILLMAVYAVAVADEDPMTCDKLPKVPVPPLEEFIKSNPLQFAYVLTDTFDCTTRVYVQPARLSPNQAATALDIR
GSRIITNDFVGGPNNSAILNNCTTGEKATWYFQYTNLNTPNGSSYCAYTCNGEEIAEYKCANNNNGTDPLQKQAVEVAKK
VPNGDKIHYALDNCPEHHGCFAFY
;
_entity_poly.pdbx_strand_id   A,B,C,D
#
# COMPACT_ATOMS: atom_id res chain seq x y z
N MET A 23 23.34 -18.29 21.37
CA MET A 23 23.71 -17.11 20.55
C MET A 23 22.43 -16.43 20.07
N THR A 24 22.14 -15.26 20.65
CA THR A 24 20.94 -14.49 20.37
C THR A 24 21.32 -13.16 19.68
N CYS A 25 20.35 -12.47 19.05
CA CYS A 25 20.63 -11.35 18.15
C CYS A 25 21.33 -10.22 18.91
N ASP A 26 20.82 -9.89 20.11
CA ASP A 26 21.37 -8.84 20.95
C ASP A 26 22.85 -9.12 21.29
N LYS A 27 23.35 -10.34 21.14
CA LYS A 27 24.74 -10.66 21.44
C LYS A 27 25.58 -10.90 20.19
N LEU A 28 25.11 -10.50 19.00
CA LEU A 28 25.92 -10.70 17.80
C LEU A 28 27.08 -9.69 17.82
N PRO A 29 28.18 -9.93 17.06
CA PRO A 29 29.26 -8.94 16.91
C PRO A 29 28.77 -7.61 16.35
N LYS A 30 29.50 -6.54 16.71
CA LYS A 30 29.20 -5.18 16.31
C LYS A 30 30.50 -4.44 15.97
N VAL A 31 31.00 -4.64 14.74
CA VAL A 31 32.24 -4.04 14.27
C VAL A 31 32.04 -2.55 14.07
N PRO A 32 33.11 -1.71 14.07
CA PRO A 32 32.94 -0.28 13.87
C PRO A 32 32.40 -0.10 12.46
N VAL A 33 31.48 0.86 12.29
CA VAL A 33 31.01 1.21 10.97
C VAL A 33 32.20 1.83 10.23
N PRO A 34 32.64 1.30 9.06
CA PRO A 34 33.71 1.91 8.30
C PRO A 34 33.37 3.35 7.87
N PRO A 35 34.38 4.16 7.52
CA PRO A 35 34.12 5.45 6.88
C PRO A 35 33.22 5.33 5.64
N LEU A 36 32.32 6.30 5.47
CA LEU A 36 31.37 6.32 4.37
C LEU A 36 32.06 6.10 3.02
N GLU A 37 33.21 6.75 2.83
CA GLU A 37 33.97 6.63 1.59
C GLU A 37 34.24 5.17 1.22
N GLU A 38 34.46 4.32 2.23
CA GLU A 38 34.72 2.90 2.00
C GLU A 38 33.50 2.20 1.38
N PHE A 39 32.30 2.60 1.84
CA PHE A 39 31.05 2.08 1.30
C PHE A 39 30.89 2.52 -0.15
N ILE A 40 31.16 3.81 -0.39
CA ILE A 40 30.93 4.37 -1.70
C ILE A 40 31.89 3.78 -2.71
N LYS A 41 33.14 3.49 -2.28
CA LYS A 41 34.09 2.84 -3.17
C LYS A 41 33.64 1.41 -3.48
N SER A 42 32.83 0.79 -2.63
CA SER A 42 32.27 -0.53 -2.89
C SER A 42 31.11 -0.53 -3.88
N ASN A 43 30.43 0.62 -4.12
CA ASN A 43 29.21 0.66 -4.90
C ASN A 43 29.45 0.09 -6.30
N PRO A 44 28.52 -0.65 -6.92
CA PRO A 44 27.29 -1.15 -6.29
C PRO A 44 27.53 -2.54 -5.71
N LEU A 45 26.72 -2.88 -4.71
CA LEU A 45 26.73 -4.20 -4.12
C LEU A 45 25.40 -4.92 -4.39
N GLN A 46 25.40 -6.22 -4.11
CA GLN A 46 24.17 -7.03 -4.15
C GLN A 46 24.11 -7.85 -2.89
N PHE A 47 22.88 -8.09 -2.41
CA PHE A 47 22.71 -8.93 -1.21
C PHE A 47 22.68 -10.40 -1.60
N ALA A 48 23.66 -11.17 -1.04
CA ALA A 48 23.76 -12.61 -1.31
C ALA A 48 22.82 -13.39 -0.38
N TYR A 49 22.67 -12.92 0.85
CA TYR A 49 21.86 -13.58 1.87
C TYR A 49 21.05 -12.50 2.58
N VAL A 50 19.75 -12.76 2.80
CA VAL A 50 18.87 -11.84 3.50
C VAL A 50 17.86 -12.65 4.32
N LEU A 51 17.12 -12.00 5.21
CA LEU A 51 16.15 -12.72 6.03
C LEU A 51 14.75 -12.72 5.40
N THR A 52 14.08 -11.56 5.35
CA THR A 52 12.76 -11.50 4.74
C THR A 52 12.94 -11.58 3.23
N ASP A 53 11.81 -11.55 2.51
CA ASP A 53 11.77 -11.59 1.05
C ASP A 53 12.06 -10.20 0.45
N THR A 54 12.01 -9.16 1.27
CA THR A 54 12.05 -7.78 0.80
C THR A 54 13.31 -7.55 -0.04
N PHE A 55 14.46 -8.08 0.41
CA PHE A 55 15.74 -7.66 -0.18
C PHE A 55 16.32 -8.74 -1.08
N ASP A 56 15.48 -9.68 -1.51
CA ASP A 56 15.83 -10.57 -2.61
C ASP A 56 16.08 -9.74 -3.87
N CYS A 57 17.00 -10.23 -4.70
CA CYS A 57 17.26 -9.71 -6.03
C CYS A 57 17.51 -8.19 -6.03
N THR A 58 18.26 -7.74 -5.01
CA THR A 58 18.41 -6.33 -4.69
C THR A 58 19.86 -5.86 -4.85
N THR A 59 20.02 -4.64 -5.40
CA THR A 59 21.29 -3.91 -5.52
C THR A 59 21.27 -2.76 -4.51
N ARG A 60 22.37 -2.66 -3.75
CA ARG A 60 22.63 -1.61 -2.78
C ARG A 60 23.57 -0.54 -3.40
N VAL A 61 23.18 0.73 -3.27
CA VAL A 61 24.02 1.90 -3.54
C VAL A 61 23.99 2.81 -2.33
N TYR A 62 25.20 3.27 -1.93
CA TYR A 62 25.40 4.23 -0.86
C TYR A 62 25.58 5.62 -1.48
N VAL A 63 24.98 6.63 -0.83
CA VAL A 63 25.00 8.01 -1.30
C VAL A 63 25.41 8.93 -0.16
N GLN A 64 26.31 9.87 -0.51
CA GLN A 64 26.77 10.88 0.44
CA GLN A 64 26.79 10.92 0.39
C GLN A 64 25.62 11.85 0.70
N PRO A 65 25.66 12.60 1.84
CA PRO A 65 24.64 13.62 2.09
C PRO A 65 24.63 14.68 0.99
N ALA A 66 23.46 15.26 0.70
CA ALA A 66 23.38 16.43 -0.17
C ALA A 66 24.19 17.56 0.48
N ARG A 67 24.79 18.37 -0.40
CA ARG A 67 25.50 19.59 -0.02
C ARG A 67 24.74 20.40 1.02
N LEU A 68 23.44 20.60 0.78
CA LEU A 68 22.66 21.52 1.60
C LEU A 68 21.90 20.80 2.72
N SER A 69 22.06 19.48 2.85
CA SER A 69 21.45 18.76 3.94
C SER A 69 21.96 19.31 5.28
N PRO A 70 21.09 19.83 6.18
CA PRO A 70 21.52 20.21 7.53
C PRO A 70 22.14 19.11 8.39
N ASN A 71 21.56 17.90 8.41
CA ASN A 71 22.07 16.84 9.27
C ASN A 71 23.24 16.07 8.63
N GLN A 72 23.47 16.24 7.32
CA GLN A 72 24.53 15.54 6.60
C GLN A 72 24.40 14.00 6.77
N ALA A 73 23.16 13.47 6.80
CA ALA A 73 22.98 12.02 6.84
C ALA A 73 23.26 11.43 5.45
N ALA A 74 24.00 10.32 5.41
CA ALA A 74 24.19 9.56 4.18
C ALA A 74 22.91 8.76 3.89
N THR A 75 22.79 8.19 2.69
CA THR A 75 21.59 7.46 2.33
C THR A 75 21.94 6.08 1.77
N ALA A 76 21.21 5.04 2.22
CA ALA A 76 21.28 3.71 1.61
C ALA A 76 20.07 3.50 0.68
N LEU A 77 20.39 3.14 -0.56
CA LEU A 77 19.44 2.86 -1.63
C LEU A 77 19.38 1.35 -1.83
N ASP A 78 18.18 0.78 -1.68
CA ASP A 78 17.93 -0.63 -1.95
C ASP A 78 17.01 -0.73 -3.19
N ILE A 79 17.60 -1.20 -4.28
CA ILE A 79 17.03 -1.14 -5.61
C ILE A 79 16.75 -2.54 -6.13
N ARG A 80 15.47 -2.77 -6.46
CA ARG A 80 14.97 -4.04 -6.98
C ARG A 80 14.08 -3.72 -8.17
N GLY A 81 14.65 -3.85 -9.37
CA GLY A 81 13.96 -3.46 -10.59
C GLY A 81 13.65 -1.97 -10.60
N SER A 82 12.35 -1.61 -10.69
CA SER A 82 11.89 -0.21 -10.69
C SER A 82 11.52 0.27 -9.30
N ARG A 83 11.67 -0.60 -8.30
CA ARG A 83 11.37 -0.26 -6.93
C ARG A 83 12.64 0.19 -6.20
N ILE A 84 12.49 1.24 -5.37
CA ILE A 84 13.60 1.66 -4.53
C ILE A 84 13.09 1.88 -3.13
N ILE A 85 13.87 1.39 -2.14
CA ILE A 85 13.72 1.65 -0.72
C ILE A 85 14.90 2.51 -0.25
N THR A 86 14.58 3.62 0.43
CA THR A 86 15.56 4.63 0.83
C THR A 86 15.51 4.87 2.33
N ASN A 87 16.71 4.88 2.92
CA ASN A 87 16.95 5.15 4.33
C ASN A 87 18.19 6.06 4.46
N ASP A 88 17.98 7.28 4.97
CA ASP A 88 19.10 8.00 5.57
C ASP A 88 19.56 7.18 6.77
N PHE A 89 20.85 7.32 7.11
CA PHE A 89 21.40 6.71 8.31
C PHE A 89 22.51 7.60 8.91
N VAL A 90 22.67 7.49 10.25
CA VAL A 90 23.69 8.18 11.01
C VAL A 90 24.26 7.19 12.02
N GLY A 91 25.46 7.50 12.54
CA GLY A 91 26.05 6.77 13.65
C GLY A 91 25.16 6.83 14.91
N GLY A 92 25.09 5.73 15.65
CA GLY A 92 24.53 5.71 16.98
C GLY A 92 25.50 5.04 17.96
N PRO A 93 25.13 4.88 19.25
CA PRO A 93 26.01 4.21 20.21
C PRO A 93 26.19 2.73 19.89
N ASN A 94 27.35 2.22 20.32
CA ASN A 94 27.72 0.82 20.28
C ASN A 94 27.95 0.35 18.84
N ASN A 95 28.53 1.24 18.00
CA ASN A 95 28.80 0.93 16.61
C ASN A 95 27.50 0.66 15.84
N SER A 96 26.43 1.39 16.19
CA SER A 96 25.15 1.28 15.50
C SER A 96 25.04 2.30 14.36
N ALA A 97 24.23 1.93 13.37
CA ALA A 97 23.67 2.84 12.38
C ALA A 97 22.17 2.94 12.60
N ILE A 98 21.70 4.18 12.80
CA ILE A 98 20.28 4.45 12.96
C ILE A 98 19.73 4.85 11.60
N LEU A 99 18.78 4.06 11.07
CA LEU A 99 18.16 4.33 9.78
C LEU A 99 16.83 5.06 9.94
N ASN A 100 16.59 6.00 9.03
CA ASN A 100 15.32 6.72 8.91
C ASN A 100 14.75 6.41 7.55
N ASN A 101 13.65 5.64 7.53
CA ASN A 101 12.97 5.33 6.28
C ASN A 101 12.42 6.62 5.69
N CYS A 102 12.73 6.88 4.42
CA CYS A 102 12.47 8.20 3.84
C CYS A 102 11.00 8.40 3.49
N THR A 103 10.21 7.30 3.45
CA THR A 103 8.80 7.38 3.09
C THR A 103 7.92 7.45 4.34
N THR A 104 8.42 7.00 5.50
CA THR A 104 7.63 6.88 6.71
C THR A 104 8.26 7.58 7.92
N GLY A 105 9.58 7.81 7.92
CA GLY A 105 10.21 8.35 9.11
C GLY A 105 10.39 7.32 10.22
N GLU A 106 10.14 6.06 9.92
CA GLU A 106 10.40 4.99 10.88
C GLU A 106 11.92 4.80 11.01
N LYS A 107 12.35 4.51 12.25
CA LYS A 107 13.73 4.32 12.68
C LYS A 107 14.02 2.85 12.91
N ALA A 108 15.27 2.44 12.63
CA ALA A 108 15.68 1.08 12.92
C ALA A 108 17.16 1.11 13.28
N THR A 109 17.56 0.27 14.22
CA THR A 109 18.92 0.26 14.72
C THR A 109 19.67 -0.93 14.11
N TRP A 110 20.68 -0.63 13.28
CA TRP A 110 21.43 -1.68 12.62
C TRP A 110 22.85 -1.78 13.16
N TYR A 111 23.43 -2.98 12.98
CA TYR A 111 24.80 -3.25 13.36
C TYR A 111 25.46 -4.02 12.24
N PHE A 112 26.79 -3.96 12.20
CA PHE A 112 27.56 -4.80 11.30
C PHE A 112 28.12 -6.00 12.05
N GLN A 113 27.78 -7.19 11.56
CA GLN A 113 28.38 -8.40 12.05
C GLN A 113 29.88 -8.42 11.70
N TYR A 114 30.19 -8.07 10.45
CA TYR A 114 31.57 -7.83 10.02
C TYR A 114 31.55 -6.91 8.78
N THR A 115 32.70 -6.26 8.52
CA THR A 115 32.94 -5.62 7.24
C THR A 115 34.29 -6.06 6.68
N ASN A 116 34.33 -6.20 5.36
CA ASN A 116 35.55 -6.52 4.62
C ASN A 116 35.52 -5.80 3.28
N LEU A 117 35.71 -4.47 3.33
CA LEU A 117 35.52 -3.61 2.19
C LEU A 117 36.85 -3.36 1.49
N ASN A 118 36.77 -3.40 0.16
CA ASN A 118 37.78 -2.92 -0.77
C ASN A 118 39.08 -3.74 -0.58
N THR A 119 38.92 -5.06 -0.47
CA THR A 119 40.05 -5.96 -0.53
C THR A 119 40.46 -6.12 -1.98
N PRO A 120 41.61 -6.76 -2.28
CA PRO A 120 41.92 -7.10 -3.67
C PRO A 120 40.96 -8.07 -4.33
N ASN A 121 40.04 -8.67 -3.55
CA ASN A 121 39.01 -9.54 -4.09
C ASN A 121 37.63 -8.90 -3.91
N GLY A 122 37.62 -7.59 -3.68
CA GLY A 122 36.39 -6.82 -3.57
C GLY A 122 35.92 -6.64 -2.13
N SER A 123 34.61 -6.38 -1.98
CA SER A 123 33.99 -6.00 -0.72
C SER A 123 32.89 -6.98 -0.31
N SER A 124 32.77 -7.18 1.00
CA SER A 124 31.62 -7.82 1.58
C SER A 124 31.37 -7.30 2.98
N TYR A 125 30.15 -7.51 3.45
CA TYR A 125 29.77 -7.24 4.82
C TYR A 125 28.47 -8.00 5.10
N CYS A 126 28.17 -8.18 6.39
CA CYS A 126 26.87 -8.66 6.86
C CYS A 126 26.39 -7.73 7.96
N ALA A 127 25.15 -7.24 7.81
CA ALA A 127 24.52 -6.31 8.74
C ALA A 127 23.18 -6.90 9.20
N TYR A 128 22.68 -6.42 10.33
CA TYR A 128 21.49 -7.01 10.93
C TYR A 128 20.82 -6.00 11.85
N THR A 129 19.51 -6.22 12.08
CA THR A 129 18.72 -5.43 13.02
C THR A 129 17.88 -6.41 13.84
N CYS A 130 17.77 -6.14 15.13
CA CYS A 130 17.25 -7.11 16.11
C CYS A 130 15.79 -6.82 16.45
N ASN A 131 15.05 -7.86 16.80
CA ASN A 131 13.83 -7.70 17.58
C ASN A 131 14.07 -8.39 18.93
N GLY A 132 14.63 -7.63 19.90
CA GLY A 132 15.20 -8.18 21.11
C GLY A 132 16.26 -9.27 20.84
N GLU A 133 15.89 -10.53 21.08
CA GLU A 133 16.80 -11.67 20.94
C GLU A 133 16.68 -12.35 19.57
N GLU A 134 15.66 -11.95 18.82
CA GLU A 134 15.47 -12.40 17.45
C GLU A 134 16.11 -11.43 16.46
N ILE A 135 16.51 -11.98 15.32
CA ILE A 135 16.96 -11.17 14.21
C ILE A 135 15.74 -10.85 13.33
N ALA A 136 15.45 -9.55 13.16
CA ALA A 136 14.33 -9.11 12.36
C ALA A 136 14.72 -8.98 10.87
N GLU A 137 15.95 -8.51 10.58
CA GLU A 137 16.41 -8.46 9.20
C GLU A 137 17.93 -8.61 9.17
N TYR A 138 18.39 -9.20 8.07
CA TYR A 138 19.78 -9.54 7.84
C TYR A 138 20.09 -9.20 6.39
N LYS A 139 21.17 -8.44 6.16
CA LYS A 139 21.62 -8.16 4.80
C LYS A 139 23.12 -8.49 4.71
N CYS A 140 23.50 -9.48 3.89
CA CYS A 140 24.90 -9.72 3.59
C CYS A 140 25.18 -9.27 2.18
N ALA A 141 25.95 -8.19 2.03
CA ALA A 141 26.27 -7.62 0.74
C ALA A 141 27.66 -8.01 0.29
N ASN A 142 27.82 -8.08 -1.04
CA ASN A 142 29.13 -8.15 -1.65
C ASN A 142 29.08 -7.66 -3.10
N ASN A 143 30.28 -7.57 -3.70
CA ASN A 143 30.52 -7.29 -5.11
C ASN A 143 31.56 -8.25 -5.71
N ASN A 144 31.66 -9.47 -5.15
CA ASN A 144 32.62 -10.47 -5.61
C ASN A 144 31.95 -11.84 -5.77
N ASN A 145 30.65 -11.86 -6.05
CA ASN A 145 29.93 -13.11 -6.27
C ASN A 145 30.00 -14.03 -5.06
N GLY A 146 29.96 -13.48 -3.85
CA GLY A 146 29.83 -14.30 -2.67
C GLY A 146 31.04 -15.17 -2.35
N THR A 147 32.27 -14.78 -2.77
CA THR A 147 33.48 -15.60 -2.59
C THR A 147 34.29 -15.24 -1.32
N ASP A 148 33.87 -14.24 -0.56
CA ASP A 148 34.52 -13.89 0.69
C ASP A 148 34.22 -14.99 1.71
N PRO A 149 35.25 -15.75 2.16
CA PRO A 149 35.06 -16.79 3.17
C PRO A 149 34.46 -16.25 4.47
N LEU A 150 34.65 -14.95 4.78
CA LEU A 150 33.99 -14.37 5.95
C LEU A 150 32.46 -14.43 5.86
N GLN A 151 31.92 -14.33 4.63
CA GLN A 151 30.48 -14.26 4.46
C GLN A 151 29.87 -15.62 4.86
N LYS A 152 30.53 -16.72 4.48
CA LYS A 152 29.98 -18.05 4.75
C LYS A 152 29.92 -18.27 6.27
N GLN A 153 30.99 -17.89 6.98
N GLN A 153 31.00 -17.98 7.01
CA GLN A 153 31.10 -18.13 8.41
CA GLN A 153 30.99 -18.18 8.46
C GLN A 153 30.10 -17.23 9.17
C GLN A 153 29.94 -17.27 9.10
N ALA A 154 29.87 -16.01 8.67
CA ALA A 154 28.93 -15.06 9.28
C ALA A 154 27.48 -15.55 9.14
N VAL A 155 27.13 -16.08 7.95
CA VAL A 155 25.78 -16.54 7.68
C VAL A 155 25.44 -17.75 8.58
N GLU A 156 26.41 -18.67 8.73
CA GLU A 156 26.24 -19.86 9.56
C GLU A 156 25.94 -19.46 11.00
N VAL A 157 26.60 -18.43 11.51
CA VAL A 157 26.38 -17.98 12.88
C VAL A 157 24.99 -17.36 13.01
N ALA A 158 24.58 -16.53 12.04
CA ALA A 158 23.35 -15.76 12.14
C ALA A 158 22.12 -16.66 12.00
N LYS A 159 22.28 -17.72 11.20
CA LYS A 159 21.22 -18.69 11.01
C LYS A 159 20.83 -19.38 12.32
N LYS A 160 21.78 -19.52 13.25
CA LYS A 160 21.55 -20.15 14.55
C LYS A 160 20.79 -19.24 15.51
N VAL A 161 20.66 -17.95 15.19
CA VAL A 161 20.03 -16.98 16.08
C VAL A 161 18.52 -17.18 15.93
N PRO A 162 17.70 -16.85 16.96
CA PRO A 162 16.24 -16.93 16.81
C PRO A 162 15.75 -16.08 15.64
N ASN A 163 14.96 -16.73 14.77
CA ASN A 163 14.36 -16.23 13.53
C ASN A 163 15.30 -16.44 12.34
N GLY A 164 16.54 -16.82 12.63
CA GLY A 164 17.60 -16.79 11.63
C GLY A 164 17.52 -17.96 10.67
N ASP A 165 16.60 -18.91 10.93
CA ASP A 165 16.34 -20.02 10.03
C ASP A 165 15.76 -19.52 8.69
N LYS A 166 15.16 -18.32 8.70
CA LYS A 166 14.62 -17.70 7.49
C LYS A 166 15.71 -17.11 6.58
N ILE A 167 16.91 -16.85 7.11
CA ILE A 167 17.99 -16.33 6.28
C ILE A 167 18.18 -17.29 5.11
N HIS A 168 18.27 -16.75 3.89
CA HIS A 168 18.35 -17.59 2.69
C HIS A 168 19.15 -16.86 1.62
N TYR A 169 19.61 -17.61 0.64
CA TYR A 169 20.26 -17.08 -0.53
C TYR A 169 19.24 -16.27 -1.31
N ALA A 170 19.64 -15.05 -1.70
CA ALA A 170 18.72 -14.03 -2.16
C ALA A 170 18.75 -13.85 -3.67
N LEU A 171 19.59 -14.62 -4.39
CA LEU A 171 19.84 -14.35 -5.79
C LEU A 171 19.45 -15.52 -6.69
N ASP A 172 18.49 -16.34 -6.26
CA ASP A 172 17.99 -17.38 -7.14
C ASP A 172 16.79 -16.85 -7.92
N ASN A 173 16.80 -17.11 -9.23
CA ASN A 173 15.66 -16.86 -10.10
C ASN A 173 15.25 -15.39 -10.01
N CYS A 174 16.24 -14.51 -10.16
CA CYS A 174 15.98 -13.08 -10.29
C CYS A 174 15.65 -12.75 -11.73
N PRO A 175 14.96 -11.61 -12.00
CA PRO A 175 14.56 -11.27 -13.36
C PRO A 175 15.79 -11.13 -14.25
N GLU A 176 15.59 -11.33 -15.57
CA GLU A 176 16.66 -11.22 -16.52
C GLU A 176 16.87 -9.74 -16.83
N HIS A 177 18.04 -9.46 -17.43
CA HIS A 177 18.55 -8.11 -17.59
C HIS A 177 18.28 -7.69 -19.04
N HIS A 178 18.40 -6.41 -19.35
CA HIS A 178 18.32 -5.93 -20.72
C HIS A 178 19.50 -4.98 -20.98
N GLY A 179 20.71 -5.54 -20.84
CA GLY A 179 21.94 -4.89 -21.25
C GLY A 179 22.73 -4.26 -20.11
N CYS A 180 22.15 -4.11 -18.91
CA CYS A 180 22.91 -3.56 -17.80
C CYS A 180 23.33 -4.69 -16.87
N PHE A 181 24.48 -4.51 -16.23
CA PHE A 181 25.05 -5.55 -15.39
C PHE A 181 24.37 -5.59 -14.02
N ALA A 182 24.16 -4.44 -13.35
CA ALA A 182 23.82 -4.42 -11.92
C ALA A 182 22.34 -4.10 -11.69
N PHE A 183 21.57 -3.85 -12.75
CA PHE A 183 20.20 -3.37 -12.63
C PHE A 183 19.40 -4.00 -13.76
N TYR A 184 18.05 -4.09 -13.56
CA TYR A 184 17.17 -4.78 -14.50
C TYR A 184 15.81 -4.08 -14.56
N ASP B 21 7.09 -10.22 -15.29
N ASP B 21 6.12 -10.03 -13.02
CA ASP B 21 6.39 -9.60 -14.12
CA ASP B 21 6.59 -9.54 -14.36
C ASP B 21 6.29 -8.08 -14.32
C ASP B 21 6.30 -8.03 -14.51
N PRO B 22 5.06 -7.49 -14.30
CA PRO B 22 4.87 -6.02 -14.43
C PRO B 22 5.61 -5.19 -13.36
N MET B 23 6.10 -4.03 -13.78
CA MET B 23 7.19 -3.32 -13.12
C MET B 23 6.67 -2.26 -12.15
N THR B 24 5.59 -1.59 -12.56
CA THR B 24 5.00 -0.46 -11.84
C THR B 24 3.50 -0.69 -11.68
N CYS B 25 2.86 0.11 -10.82
CA CYS B 25 1.51 -0.16 -10.35
C CYS B 25 0.53 0.01 -11.51
N ASP B 26 0.80 1.03 -12.34
CA ASP B 26 0.06 1.35 -13.54
C ASP B 26 0.03 0.17 -14.51
N LYS B 27 0.91 -0.84 -14.36
CA LYS B 27 1.01 -1.94 -15.30
C LYS B 27 0.49 -3.26 -14.71
N LEU B 28 -0.10 -3.22 -13.51
CA LEU B 28 -0.62 -4.45 -12.93
C LEU B 28 -1.82 -4.94 -13.77
N PRO B 29 -2.13 -6.26 -13.70
CA PRO B 29 -3.35 -6.81 -14.30
C PRO B 29 -4.60 -6.09 -13.81
N LYS B 30 -5.60 -6.05 -14.70
CA LYS B 30 -6.94 -5.51 -14.46
C LYS B 30 -7.99 -6.49 -14.99
N VAL B 31 -8.36 -7.48 -14.17
CA VAL B 31 -9.38 -8.43 -14.55
C VAL B 31 -10.75 -7.74 -14.46
N PRO B 32 -11.78 -8.25 -15.18
CA PRO B 32 -13.15 -7.72 -15.10
C PRO B 32 -13.65 -7.83 -13.68
N VAL B 33 -14.29 -6.76 -13.19
CA VAL B 33 -15.08 -6.84 -11.97
C VAL B 33 -16.14 -7.93 -12.17
N PRO B 34 -16.14 -9.00 -11.36
CA PRO B 34 -17.24 -9.96 -11.36
C PRO B 34 -18.53 -9.23 -11.00
N PRO B 35 -19.70 -9.80 -11.41
CA PRO B 35 -21.00 -9.29 -10.95
C PRO B 35 -21.00 -9.16 -9.43
N LEU B 36 -21.63 -8.10 -8.91
CA LEU B 36 -21.71 -7.90 -7.47
C LEU B 36 -22.14 -9.18 -6.75
N GLU B 37 -23.03 -9.92 -7.41
CA GLU B 37 -23.62 -11.10 -6.80
C GLU B 37 -22.53 -12.11 -6.36
N GLU B 38 -21.46 -12.28 -7.17
CA GLU B 38 -20.37 -13.18 -6.84
C GLU B 38 -19.66 -12.78 -5.54
N PHE B 39 -19.49 -11.45 -5.36
CA PHE B 39 -18.92 -10.88 -4.13
C PHE B 39 -19.84 -11.13 -2.94
N ILE B 40 -21.13 -10.82 -3.12
CA ILE B 40 -22.06 -10.94 -1.99
C ILE B 40 -22.11 -12.39 -1.51
N LYS B 41 -22.14 -13.34 -2.47
CA LYS B 41 -22.04 -14.76 -2.16
C LYS B 41 -20.71 -15.16 -1.50
N SER B 42 -19.68 -14.30 -1.57
CA SER B 42 -18.40 -14.58 -0.91
C SER B 42 -18.37 -14.04 0.53
N ASN B 43 -19.39 -13.23 0.91
CA ASN B 43 -19.40 -12.56 2.20
C ASN B 43 -19.44 -13.56 3.34
N PRO B 44 -18.78 -13.29 4.48
CA PRO B 44 -17.71 -12.30 4.61
C PRO B 44 -16.31 -12.84 4.23
N LEU B 45 -15.40 -11.91 3.87
CA LEU B 45 -14.02 -12.26 3.63
C LEU B 45 -13.11 -11.61 4.66
N GLN B 46 -11.85 -12.07 4.73
CA GLN B 46 -10.84 -11.40 5.54
C GLN B 46 -9.66 -11.02 4.66
N PHE B 47 -8.97 -9.93 5.04
CA PHE B 47 -7.82 -9.46 4.29
C PHE B 47 -6.56 -10.11 4.86
N ALA B 48 -5.97 -10.97 4.06
CA ALA B 48 -4.79 -11.70 4.48
C ALA B 48 -3.54 -10.83 4.28
N TYR B 49 -3.52 -10.06 3.16
CA TYR B 49 -2.44 -9.12 2.85
C TYR B 49 -2.97 -7.75 2.52
N VAL B 50 -2.37 -6.71 3.14
CA VAL B 50 -2.69 -5.31 2.89
C VAL B 50 -1.39 -4.48 2.86
N LEU B 51 -1.47 -3.22 2.38
CA LEU B 51 -0.31 -2.33 2.29
C LEU B 51 -0.18 -1.48 3.57
N THR B 52 -1.13 -0.57 3.84
CA THR B 52 -1.08 0.19 5.09
C THR B 52 -1.65 -0.62 6.25
N ASP B 53 -1.30 -0.20 7.48
N ASP B 53 -1.28 -0.16 7.46
CA ASP B 53 -1.74 -0.86 8.69
CA ASP B 53 -1.71 -0.70 8.73
C ASP B 53 -3.24 -0.58 8.97
C ASP B 53 -3.24 -0.66 8.86
N THR B 54 -3.87 0.33 8.21
CA THR B 54 -5.30 0.57 8.36
C THR B 54 -6.13 -0.72 8.26
N PHE B 55 -5.78 -1.64 7.35
CA PHE B 55 -6.63 -2.78 7.05
C PHE B 55 -6.11 -4.10 7.62
N ASP B 56 -5.36 -4.04 8.73
CA ASP B 56 -4.98 -5.24 9.46
C ASP B 56 -6.22 -5.74 10.20
N CYS B 57 -6.27 -7.05 10.48
CA CYS B 57 -7.31 -7.58 11.35
C CYS B 57 -8.71 -7.10 10.90
N THR B 58 -8.97 -7.21 9.59
CA THR B 58 -10.15 -6.63 8.97
C THR B 58 -10.98 -7.69 8.20
N THR B 59 -12.31 -7.57 8.32
CA THR B 59 -13.31 -8.36 7.59
C THR B 59 -14.02 -7.47 6.58
N ARG B 60 -14.12 -7.94 5.33
CA ARG B 60 -14.86 -7.27 4.27
C ARG B 60 -16.26 -7.87 4.09
N VAL B 61 -17.27 -6.99 3.97
CA VAL B 61 -18.65 -7.33 3.63
C VAL B 61 -19.06 -6.43 2.47
N TYR B 62 -19.52 -7.04 1.37
CA TYR B 62 -20.09 -6.28 0.28
C TYR B 62 -21.59 -6.13 0.45
N VAL B 63 -22.13 -4.96 0.06
CA VAL B 63 -23.54 -4.64 0.23
C VAL B 63 -24.06 -4.07 -1.09
N GLN B 64 -25.25 -4.55 -1.46
CA GLN B 64 -25.92 -4.11 -2.68
CA GLN B 64 -25.93 -4.11 -2.67
C GLN B 64 -26.38 -2.65 -2.48
N PRO B 65 -26.67 -1.89 -3.56
CA PRO B 65 -27.23 -0.55 -3.38
C PRO B 65 -28.57 -0.63 -2.66
N ALA B 66 -28.86 0.35 -1.78
CA ALA B 66 -30.21 0.55 -1.24
C ALA B 66 -31.23 0.72 -2.37
N ARG B 67 -32.45 0.24 -2.09
CA ARG B 67 -33.57 0.25 -3.02
C ARG B 67 -33.74 1.64 -3.65
N LEU B 68 -33.68 2.67 -2.79
CA LEU B 68 -33.91 4.07 -3.14
C LEU B 68 -32.64 4.84 -3.47
N SER B 69 -31.51 4.14 -3.63
CA SER B 69 -30.25 4.78 -3.98
C SER B 69 -30.39 5.44 -5.35
N PRO B 70 -30.20 6.77 -5.44
CA PRO B 70 -30.21 7.46 -6.71
C PRO B 70 -29.18 6.96 -7.74
N ASN B 71 -27.98 6.55 -7.29
CA ASN B 71 -26.89 6.24 -8.22
C ASN B 71 -26.63 4.74 -8.33
N GLN B 72 -27.33 3.94 -7.50
CA GLN B 72 -27.20 2.48 -7.49
C GLN B 72 -25.74 2.05 -7.28
N ALA B 73 -25.03 2.75 -6.38
CA ALA B 73 -23.68 2.37 -5.99
C ALA B 73 -23.75 1.29 -4.89
N ALA B 74 -23.01 0.19 -5.11
CA ALA B 74 -22.76 -0.79 -4.07
C ALA B 74 -21.85 -0.17 -3.02
N THR B 75 -21.68 -0.88 -1.90
CA THR B 75 -20.87 -0.46 -0.76
C THR B 75 -19.96 -1.61 -0.31
N ALA B 76 -18.68 -1.27 -0.10
CA ALA B 76 -17.67 -2.13 0.56
C ALA B 76 -17.51 -1.69 2.02
N LEU B 77 -17.76 -2.61 2.95
CA LEU B 77 -17.58 -2.37 4.37
C LEU B 77 -16.28 -3.04 4.80
N ASP B 78 -15.41 -2.26 5.46
CA ASP B 78 -14.17 -2.75 6.04
C ASP B 78 -14.30 -2.63 7.54
N ILE B 79 -14.39 -3.80 8.17
CA ILE B 79 -14.78 -3.92 9.55
C ILE B 79 -13.61 -4.44 10.38
N ARG B 80 -13.25 -3.64 11.38
CA ARG B 80 -12.14 -3.94 12.26
C ARG B 80 -12.62 -3.78 13.69
N GLY B 81 -13.02 -4.91 14.29
CA GLY B 81 -13.62 -4.90 15.61
C GLY B 81 -14.93 -4.13 15.63
N SER B 82 -14.90 -3.02 16.37
CA SER B 82 -16.05 -2.16 16.59
C SER B 82 -16.01 -0.91 15.68
N ARG B 83 -15.07 -0.88 14.71
CA ARG B 83 -14.89 0.27 13.82
C ARG B 83 -15.17 -0.18 12.38
N ILE B 84 -15.60 0.74 11.53
CA ILE B 84 -15.94 0.43 10.14
C ILE B 84 -15.47 1.54 9.21
N ILE B 85 -14.88 1.16 8.07
CA ILE B 85 -14.69 2.11 7.00
C ILE B 85 -15.64 1.73 5.85
N THR B 86 -16.28 2.73 5.24
CA THR B 86 -17.26 2.45 4.20
C THR B 86 -16.90 3.22 2.95
N ASN B 87 -17.12 2.55 1.81
CA ASN B 87 -16.89 3.13 0.50
C ASN B 87 -17.97 2.64 -0.46
N ASP B 88 -18.76 3.57 -1.01
CA ASP B 88 -19.59 3.25 -2.15
C ASP B 88 -18.70 3.03 -3.35
N PHE B 89 -19.12 2.21 -4.31
CA PHE B 89 -18.38 2.08 -5.54
C PHE B 89 -19.29 1.90 -6.73
N VAL B 90 -18.80 2.32 -7.89
CA VAL B 90 -19.44 2.04 -9.17
C VAL B 90 -18.38 1.62 -10.17
N GLY B 91 -18.81 0.95 -11.25
CA GLY B 91 -17.94 0.60 -12.36
C GLY B 91 -17.37 1.85 -13.02
N GLY B 92 -16.12 1.73 -13.49
CA GLY B 92 -15.49 2.78 -14.27
C GLY B 92 -14.80 2.15 -15.48
N PRO B 93 -14.17 2.94 -16.36
CA PRO B 93 -13.49 2.36 -17.52
C PRO B 93 -12.26 1.53 -17.13
N ASN B 94 -11.89 0.66 -18.07
CA ASN B 94 -10.69 -0.17 -18.02
C ASN B 94 -10.77 -1.16 -16.84
N ASN B 95 -11.99 -1.60 -16.54
CA ASN B 95 -12.27 -2.58 -15.49
C ASN B 95 -11.97 -1.97 -14.11
N SER B 96 -12.18 -0.66 -13.98
CA SER B 96 -11.95 0.04 -12.71
C SER B 96 -13.21 -0.04 -11.85
N ALA B 97 -13.01 0.10 -10.52
CA ALA B 97 -14.05 0.48 -9.59
C ALA B 97 -13.68 1.83 -9.00
N ILE B 98 -14.63 2.77 -9.06
CA ILE B 98 -14.39 4.08 -8.49
C ILE B 98 -15.09 4.14 -7.14
N LEU B 99 -14.31 4.41 -6.08
CA LEU B 99 -14.80 4.38 -4.71
C LEU B 99 -15.02 5.79 -4.18
N ASN B 100 -16.02 5.92 -3.29
CA ASN B 100 -16.31 7.19 -2.63
C ASN B 100 -16.37 6.93 -1.14
N ASN B 101 -15.40 7.46 -0.40
CA ASN B 101 -15.35 7.29 1.05
C ASN B 101 -16.56 7.97 1.64
N CYS B 102 -17.42 7.20 2.32
CA CYS B 102 -18.69 7.72 2.83
C CYS B 102 -18.52 8.76 3.94
N THR B 103 -17.42 8.67 4.70
CA THR B 103 -17.07 9.58 5.78
C THR B 103 -16.35 10.84 5.29
N THR B 104 -15.51 10.75 4.24
CA THR B 104 -14.65 11.83 3.75
C THR B 104 -15.22 12.52 2.51
N GLY B 105 -15.69 11.74 1.54
CA GLY B 105 -15.95 12.21 0.20
C GLY B 105 -14.76 11.91 -0.73
N GLU B 106 -13.71 11.30 -0.18
CA GLU B 106 -12.50 11.06 -0.96
C GLU B 106 -12.73 9.94 -1.99
N LYS B 107 -12.29 10.18 -3.22
CA LYS B 107 -12.46 9.27 -4.34
C LYS B 107 -11.16 8.48 -4.55
N ALA B 108 -11.25 7.23 -5.02
CA ALA B 108 -10.09 6.42 -5.39
C ALA B 108 -10.47 5.45 -6.50
N THR B 109 -9.53 5.25 -7.44
CA THR B 109 -9.71 4.34 -8.56
C THR B 109 -8.96 3.04 -8.23
N TRP B 110 -9.75 1.95 -8.12
CA TRP B 110 -9.27 0.61 -7.79
C TRP B 110 -9.37 -0.34 -8.98
N TYR B 111 -8.54 -1.37 -8.94
CA TYR B 111 -8.62 -2.47 -9.89
C TYR B 111 -8.38 -3.79 -9.18
N PHE B 112 -8.73 -4.86 -9.87
CA PHE B 112 -8.53 -6.22 -9.38
C PHE B 112 -7.35 -6.79 -10.12
N GLN B 113 -6.36 -7.24 -9.35
CA GLN B 113 -5.22 -7.96 -9.90
C GLN B 113 -5.70 -9.29 -10.47
N TYR B 114 -6.47 -10.00 -9.65
CA TYR B 114 -7.18 -11.21 -10.07
C TYR B 114 -8.45 -11.32 -9.18
N THR B 115 -9.42 -12.11 -9.65
CA THR B 115 -10.50 -12.60 -8.79
C THR B 115 -10.63 -14.09 -9.04
N ASN B 116 -10.99 -14.82 -7.99
CA ASN B 116 -11.24 -16.24 -8.08
C ASN B 116 -12.33 -16.56 -7.08
N LEU B 117 -13.55 -16.09 -7.39
CA LEU B 117 -14.69 -16.16 -6.50
C LEU B 117 -15.45 -17.49 -6.67
N ASN B 118 -15.84 -18.05 -5.53
CA ASN B 118 -16.86 -19.09 -5.40
C ASN B 118 -16.36 -20.36 -6.08
N THR B 119 -15.11 -20.74 -5.82
CA THR B 119 -14.56 -21.98 -6.33
C THR B 119 -15.03 -23.08 -5.37
N PRO B 120 -14.80 -24.37 -5.70
CA PRO B 120 -14.99 -25.42 -4.71
C PRO B 120 -14.11 -25.25 -3.45
N ASN B 121 -13.08 -24.39 -3.50
CA ASN B 121 -12.24 -24.15 -2.35
C ASN B 121 -12.50 -22.75 -1.79
N GLY B 122 -13.58 -22.09 -2.25
CA GLY B 122 -13.95 -20.78 -1.75
C GLY B 122 -13.50 -19.66 -2.68
N SER B 123 -13.43 -18.46 -2.09
CA SER B 123 -13.15 -17.22 -2.82
C SER B 123 -11.85 -16.57 -2.34
N SER B 124 -11.12 -16.01 -3.29
CA SER B 124 -10.05 -15.06 -3.02
C SER B 124 -10.03 -14.04 -4.14
N TYR B 125 -9.47 -12.86 -3.82
CA TYR B 125 -9.11 -11.87 -4.83
C TYR B 125 -8.03 -10.95 -4.23
N CYS B 126 -7.39 -10.17 -5.11
CA CYS B 126 -6.49 -9.08 -4.73
C CYS B 126 -6.87 -7.87 -5.58
N ALA B 127 -7.06 -6.76 -4.86
CA ALA B 127 -7.38 -5.46 -5.44
C ALA B 127 -6.33 -4.41 -4.99
N TYR B 128 -6.21 -3.34 -5.78
CA TYR B 128 -5.24 -2.29 -5.49
C TYR B 128 -5.69 -0.94 -6.05
N THR B 129 -5.07 0.11 -5.50
CA THR B 129 -5.16 1.45 -6.06
C THR B 129 -3.76 2.07 -6.12
N CYS B 130 -3.50 2.76 -7.24
CA CYS B 130 -2.19 3.31 -7.53
C CYS B 130 -2.13 4.80 -7.19
N ASN B 131 -0.92 5.27 -6.85
CA ASN B 131 -0.51 6.67 -6.90
C ASN B 131 0.49 6.76 -8.05
N GLY B 132 -0.03 6.90 -9.26
CA GLY B 132 0.80 6.79 -10.46
C GLY B 132 1.46 5.42 -10.62
N GLU B 133 2.79 5.39 -10.47
CA GLU B 133 3.55 4.16 -10.69
C GLU B 133 3.77 3.42 -9.38
N GLU B 134 3.40 4.04 -8.27
CA GLU B 134 3.46 3.28 -7.04
C GLU B 134 2.05 2.79 -6.64
N ILE B 135 2.06 1.78 -5.80
CA ILE B 135 0.85 1.27 -5.17
C ILE B 135 0.59 2.01 -3.86
N ALA B 136 -0.61 2.56 -3.78
CA ALA B 136 -1.08 3.32 -2.64
C ALA B 136 -1.79 2.45 -1.61
N GLU B 137 -2.54 1.43 -2.09
CA GLU B 137 -3.21 0.52 -1.17
C GLU B 137 -3.39 -0.83 -1.88
N TYR B 138 -3.51 -1.87 -1.06
CA TYR B 138 -3.58 -3.23 -1.53
C TYR B 138 -4.45 -4.01 -0.57
N LYS B 139 -5.36 -4.82 -1.14
CA LYS B 139 -6.27 -5.63 -0.34
C LYS B 139 -6.43 -6.99 -1.01
N CYS B 140 -5.90 -8.01 -0.34
CA CYS B 140 -6.09 -9.38 -0.74
C CYS B 140 -7.04 -10.03 0.24
N ALA B 141 -8.22 -10.41 -0.27
CA ALA B 141 -9.28 -10.99 0.55
C ALA B 141 -9.48 -12.46 0.17
N ASN B 142 -9.92 -13.25 1.16
CA ASN B 142 -10.25 -14.64 0.96
C ASN B 142 -11.19 -15.08 2.10
N ASN B 143 -11.82 -16.26 1.88
CA ASN B 143 -12.57 -16.96 2.92
C ASN B 143 -12.06 -18.41 3.06
N ASN B 144 -10.82 -18.71 2.63
CA ASN B 144 -10.32 -20.07 2.64
C ASN B 144 -8.97 -20.15 3.36
N ASN B 145 -8.75 -19.24 4.31
CA ASN B 145 -7.54 -19.22 5.12
C ASN B 145 -6.27 -19.14 4.28
N GLY B 146 -6.32 -18.36 3.22
CA GLY B 146 -5.12 -18.05 2.45
C GLY B 146 -4.60 -19.22 1.64
N THR B 147 -5.45 -20.19 1.25
CA THR B 147 -4.96 -21.40 0.63
C THR B 147 -5.03 -21.34 -0.90
N ASP B 148 -5.56 -20.24 -1.45
CA ASP B 148 -5.61 -20.11 -2.91
C ASP B 148 -4.21 -19.83 -3.45
N PRO B 149 -3.59 -20.74 -4.26
CA PRO B 149 -2.27 -20.49 -4.86
C PRO B 149 -2.15 -19.21 -5.72
N LEU B 150 -3.28 -18.76 -6.31
CA LEU B 150 -3.32 -17.51 -7.04
C LEU B 150 -2.95 -16.33 -6.14
N GLN B 151 -3.39 -16.40 -4.88
CA GLN B 151 -3.19 -15.30 -3.95
C GLN B 151 -1.69 -15.10 -3.69
N LYS B 152 -0.98 -16.20 -3.45
CA LYS B 152 0.45 -16.18 -3.12
C LYS B 152 1.25 -15.53 -4.24
N GLN B 153 0.97 -15.89 -5.50
CA GLN B 153 1.73 -15.38 -6.64
C GLN B 153 1.32 -13.93 -6.93
N ALA B 154 0.08 -13.55 -6.57
CA ALA B 154 -0.37 -12.19 -6.76
C ALA B 154 0.37 -11.27 -5.79
N VAL B 155 0.47 -11.69 -4.54
CA VAL B 155 1.12 -10.89 -3.52
C VAL B 155 2.60 -10.65 -3.89
N GLU B 156 3.28 -11.69 -4.38
CA GLU B 156 4.67 -11.60 -4.79
C GLU B 156 4.87 -10.58 -5.92
N VAL B 157 3.93 -10.51 -6.87
CA VAL B 157 4.04 -9.59 -8.00
C VAL B 157 3.82 -8.15 -7.51
N ALA B 158 2.81 -7.96 -6.65
CA ALA B 158 2.45 -6.64 -6.16
C ALA B 158 3.56 -6.05 -5.29
N LYS B 159 4.21 -6.89 -4.49
CA LYS B 159 5.27 -6.39 -3.61
C LYS B 159 6.41 -5.74 -4.39
N LYS B 160 6.64 -6.15 -5.64
CA LYS B 160 7.78 -5.72 -6.42
C LYS B 160 7.59 -4.35 -7.09
N VAL B 161 6.39 -3.76 -7.05
CA VAL B 161 6.19 -2.46 -7.67
C VAL B 161 6.57 -1.39 -6.64
N PRO B 162 6.83 -0.14 -7.07
CA PRO B 162 7.18 0.93 -6.15
C PRO B 162 6.18 1.02 -5.03
N ASN B 163 6.71 1.02 -3.78
CA ASN B 163 5.96 1.08 -2.51
C ASN B 163 5.39 -0.28 -2.14
N GLY B 164 5.62 -1.32 -2.95
CA GLY B 164 5.00 -2.61 -2.69
C GLY B 164 5.64 -3.36 -1.53
N ASP B 165 6.83 -2.89 -1.13
CA ASP B 165 7.57 -3.48 -0.03
C ASP B 165 6.79 -3.34 1.27
N LYS B 166 5.86 -2.38 1.39
CA LYS B 166 5.09 -2.28 2.62
C LYS B 166 3.98 -3.35 2.74
N ILE B 167 3.64 -4.04 1.65
CA ILE B 167 2.57 -5.04 1.68
C ILE B 167 3.01 -6.14 2.63
N HIS B 168 2.09 -6.50 3.54
CA HIS B 168 2.39 -7.40 4.64
C HIS B 168 1.19 -8.29 5.00
N TYR B 169 1.48 -9.36 5.74
CA TYR B 169 0.48 -10.25 6.28
C TYR B 169 -0.27 -9.52 7.40
N ALA B 170 -1.61 -9.55 7.30
CA ALA B 170 -2.45 -8.60 7.98
C ALA B 170 -3.14 -9.20 9.20
N LEU B 171 -2.94 -10.51 9.44
CA LEU B 171 -3.74 -11.24 10.39
C LEU B 171 -2.88 -11.81 11.52
N ASP B 172 -1.77 -11.16 11.87
CA ASP B 172 -1.00 -11.58 13.04
C ASP B 172 -1.42 -10.76 14.25
N ASN B 173 -1.60 -11.46 15.38
CA ASN B 173 -1.84 -10.86 16.69
C ASN B 173 -3.06 -9.95 16.65
N CYS B 174 -4.16 -10.44 16.07
CA CYS B 174 -5.41 -9.71 16.08
C CYS B 174 -6.15 -10.01 17.38
N PRO B 175 -7.04 -9.11 17.86
CA PRO B 175 -7.72 -9.31 19.13
C PRO B 175 -8.53 -10.60 19.19
N GLU B 176 -8.77 -11.08 20.42
CA GLU B 176 -9.50 -12.31 20.64
C GLU B 176 -10.99 -12.06 20.48
N HIS B 177 -11.69 -13.10 20.01
CA HIS B 177 -13.12 -13.06 19.76
C HIS B 177 -13.89 -13.31 21.06
N HIS B 178 -15.22 -13.14 20.98
CA HIS B 178 -16.15 -13.39 22.09
C HIS B 178 -17.36 -14.13 21.55
N GLY B 179 -17.10 -15.31 20.97
CA GLY B 179 -18.17 -16.17 20.50
C GLY B 179 -18.46 -16.08 19.00
N CYS B 180 -18.02 -15.02 18.30
CA CYS B 180 -18.33 -14.90 16.88
C CYS B 180 -17.15 -15.31 16.02
N PHE B 181 -17.43 -15.92 14.87
CA PHE B 181 -16.36 -16.49 14.06
C PHE B 181 -15.63 -15.39 13.30
N ALA B 182 -16.38 -14.43 12.75
CA ALA B 182 -15.86 -13.53 11.73
C ALA B 182 -15.73 -12.10 12.23
N PHE B 183 -16.21 -11.82 13.47
CA PHE B 183 -16.23 -10.49 14.07
C PHE B 183 -15.80 -10.59 15.53
N TYR B 184 -15.32 -9.45 16.09
CA TYR B 184 -14.76 -9.40 17.43
C TYR B 184 -14.93 -8.02 18.08
N PRO C 22 18.18 30.03 -36.52
CA PRO C 22 17.49 29.52 -35.32
C PRO C 22 18.11 28.22 -34.81
N MET C 23 18.29 28.14 -33.48
CA MET C 23 18.96 27.01 -32.84
C MET C 23 18.08 25.75 -32.88
N THR C 24 18.61 24.67 -33.49
CA THR C 24 18.01 23.34 -33.42
C THR C 24 18.91 22.37 -32.64
N CYS C 25 18.27 21.30 -32.10
CA CYS C 25 18.86 20.40 -31.11
C CYS C 25 20.22 19.85 -31.56
N ASP C 26 20.36 19.50 -32.85
CA ASP C 26 21.58 18.91 -33.38
C ASP C 26 22.77 19.90 -33.34
N LYS C 27 22.51 21.17 -33.00
CA LYS C 27 23.48 22.25 -33.10
C LYS C 27 23.78 22.86 -31.74
N LEU C 28 23.24 22.27 -30.65
CA LEU C 28 23.50 22.79 -29.30
C LEU C 28 24.94 22.48 -28.88
N PRO C 29 25.47 23.15 -27.82
CA PRO C 29 26.81 22.85 -27.31
C PRO C 29 26.93 21.39 -26.84
N LYS C 30 28.16 20.86 -26.96
CA LYS C 30 28.55 19.50 -26.60
C LYS C 30 29.88 19.53 -25.81
N VAL C 31 29.84 20.07 -24.59
CA VAL C 31 31.01 20.15 -23.72
C VAL C 31 31.50 18.75 -23.41
N PRO C 32 32.80 18.54 -23.07
CA PRO C 32 33.33 17.21 -22.80
C PRO C 32 32.63 16.67 -21.55
N VAL C 33 32.45 15.35 -21.54
CA VAL C 33 31.89 14.71 -20.36
C VAL C 33 32.98 14.74 -19.30
N PRO C 34 32.73 15.36 -18.13
CA PRO C 34 33.69 15.30 -17.04
C PRO C 34 33.94 13.84 -16.62
N PRO C 35 35.08 13.55 -15.96
CA PRO C 35 35.31 12.22 -15.41
C PRO C 35 34.21 11.83 -14.43
N LEU C 36 33.94 10.53 -14.39
CA LEU C 36 32.90 9.99 -13.52
C LEU C 36 33.04 10.50 -12.08
N GLU C 37 34.27 10.60 -11.55
CA GLU C 37 34.43 10.93 -10.15
C GLU C 37 33.83 12.29 -9.87
N GLU C 38 33.83 13.17 -10.90
CA GLU C 38 33.27 14.52 -10.76
C GLU C 38 31.75 14.44 -10.54
N PHE C 39 31.09 13.51 -11.25
CA PHE C 39 29.66 13.29 -11.06
C PHE C 39 29.38 12.67 -9.69
N ILE C 40 30.18 11.68 -9.30
CA ILE C 40 29.94 11.00 -8.02
C ILE C 40 30.15 11.95 -6.83
N LYS C 41 31.16 12.81 -6.96
CA LYS C 41 31.37 13.85 -5.96
C LYS C 41 30.19 14.82 -5.88
N SER C 42 29.43 15.00 -6.98
CA SER C 42 28.24 15.83 -7.01
C SER C 42 27.00 15.18 -6.35
N ASN C 43 27.00 13.85 -6.20
CA ASN C 43 25.83 13.14 -5.72
C ASN C 43 25.37 13.68 -4.39
N PRO C 44 24.06 13.71 -4.08
CA PRO C 44 22.96 13.58 -5.06
C PRO C 44 22.59 14.90 -5.73
N LEU C 45 22.03 14.86 -6.94
CA LEU C 45 21.56 16.06 -7.61
C LEU C 45 20.02 15.99 -7.75
N GLN C 46 19.38 17.13 -7.99
CA GLN C 46 17.97 17.14 -8.36
C GLN C 46 17.79 17.85 -9.69
N PHE C 47 16.74 17.48 -10.45
CA PHE C 47 16.51 18.13 -11.74
C PHE C 47 15.60 19.34 -11.53
N ALA C 48 16.09 20.53 -11.92
CA ALA C 48 15.33 21.76 -11.74
C ALA C 48 14.50 22.03 -12.99
N TYR C 49 14.99 21.61 -14.17
CA TYR C 49 14.30 21.76 -15.44
C TYR C 49 14.39 20.46 -16.23
N VAL C 50 13.24 20.01 -16.74
CA VAL C 50 13.16 18.82 -17.57
C VAL C 50 12.14 19.10 -18.68
N LEU C 51 12.18 18.29 -19.74
CA LEU C 51 11.17 18.32 -20.78
C LEU C 51 9.94 17.48 -20.37
N THR C 52 10.05 16.15 -20.32
CA THR C 52 8.88 15.31 -20.04
C THR C 52 8.63 15.19 -18.55
N ASP C 53 7.36 14.89 -18.29
CA ASP C 53 6.77 14.65 -17.00
C ASP C 53 7.56 13.65 -16.13
N THR C 54 8.21 12.68 -16.77
CA THR C 54 8.86 11.58 -16.08
C THR C 54 9.85 12.07 -15.02
N PHE C 55 10.53 13.19 -15.25
CA PHE C 55 11.69 13.55 -14.45
C PHE C 55 11.41 14.71 -13.51
N ASP C 56 10.13 14.91 -13.22
CA ASP C 56 9.71 15.82 -12.17
C ASP C 56 10.00 15.20 -10.80
N CYS C 57 10.26 16.06 -9.81
CA CYS C 57 10.40 15.68 -8.41
C CYS C 57 11.40 14.52 -8.26
N THR C 58 12.52 14.60 -9.03
CA THR C 58 13.48 13.54 -9.23
C THR C 58 14.86 13.92 -8.64
N THR C 59 15.49 12.95 -7.96
CA THR C 59 16.88 12.96 -7.51
C THR C 59 17.72 12.09 -8.47
N ARG C 60 18.87 12.62 -8.90
CA ARG C 60 19.84 11.90 -9.71
C ARG C 60 21.02 11.45 -8.82
N VAL C 61 21.37 10.16 -8.94
CA VAL C 61 22.54 9.56 -8.30
C VAL C 61 23.32 8.81 -9.39
N TYR C 62 24.63 9.05 -9.47
CA TYR C 62 25.53 8.35 -10.37
C TYR C 62 26.23 7.20 -9.62
N VAL C 63 26.42 6.07 -10.34
CA VAL C 63 27.07 4.90 -9.76
C VAL C 63 28.18 4.45 -10.69
N GLN C 64 29.37 4.17 -10.10
CA GLN C 64 30.46 3.54 -10.85
C GLN C 64 30.04 2.15 -11.31
N PRO C 65 30.73 1.58 -12.32
CA PRO C 65 30.50 0.20 -12.72
C PRO C 65 30.79 -0.74 -11.56
N ALA C 66 30.03 -1.83 -11.50
CA ALA C 66 30.31 -2.98 -10.64
C ALA C 66 31.73 -3.47 -10.91
N ARG C 67 32.37 -3.96 -9.84
CA ARG C 67 33.68 -4.61 -9.88
C ARG C 67 33.80 -5.58 -11.05
N LEU C 68 32.79 -6.45 -11.20
CA LEU C 68 32.83 -7.59 -12.12
C LEU C 68 32.10 -7.28 -13.43
N SER C 69 31.72 -6.02 -13.66
CA SER C 69 31.03 -5.64 -14.88
C SER C 69 32.03 -5.72 -16.03
N PRO C 70 31.85 -6.60 -17.02
CA PRO C 70 32.78 -6.68 -18.15
C PRO C 70 32.98 -5.40 -18.96
N ASN C 71 31.89 -4.66 -19.22
CA ASN C 71 32.04 -3.44 -20.03
C ASN C 71 32.37 -2.22 -19.18
N GLN C 72 32.24 -2.30 -17.84
CA GLN C 72 32.57 -1.18 -16.97
C GLN C 72 31.73 0.09 -17.26
N ALA C 73 30.47 -0.08 -17.68
CA ALA C 73 29.56 1.04 -17.85
C ALA C 73 29.13 1.59 -16.49
N ALA C 74 29.17 2.91 -16.34
CA ALA C 74 28.60 3.54 -15.16
C ALA C 74 27.06 3.53 -15.27
N THR C 75 26.38 3.96 -14.22
CA THR C 75 24.92 3.94 -14.20
C THR C 75 24.40 5.26 -13.65
N ALA C 76 23.42 5.85 -14.35
CA ALA C 76 22.65 6.95 -13.77
C ALA C 76 21.35 6.42 -13.19
N LEU C 77 21.07 6.87 -11.95
CA LEU C 77 19.84 6.55 -11.27
C LEU C 77 18.96 7.79 -11.24
N ASP C 78 17.70 7.62 -11.65
CA ASP C 78 16.68 8.65 -11.64
C ASP C 78 15.54 8.20 -10.75
N ILE C 79 15.54 8.80 -9.57
CA ILE C 79 14.76 8.37 -8.44
C ILE C 79 13.67 9.40 -8.13
N ARG C 80 12.41 8.93 -8.19
CA ARG C 80 11.25 9.74 -7.88
C ARG C 80 10.41 9.03 -6.82
N GLY C 81 10.54 9.48 -5.58
CA GLY C 81 9.95 8.76 -4.47
C GLY C 81 10.41 7.30 -4.47
N SER C 82 9.48 6.38 -4.69
CA SER C 82 9.72 4.95 -4.50
C SER C 82 10.01 4.27 -5.84
N ARG C 83 10.09 5.05 -6.92
CA ARG C 83 10.32 4.52 -8.24
C ARG C 83 11.68 4.97 -8.76
N ILE C 84 12.38 4.04 -9.41
CA ILE C 84 13.72 4.33 -9.92
C ILE C 84 13.79 3.91 -11.38
N ILE C 85 14.35 4.80 -12.20
CA ILE C 85 14.79 4.53 -13.55
C ILE C 85 16.33 4.45 -13.58
N THR C 86 16.86 3.48 -14.33
CA THR C 86 18.28 3.23 -14.39
C THR C 86 18.71 3.09 -15.84
N ASN C 87 19.84 3.74 -16.11
CA ASN C 87 20.50 3.77 -17.40
C ASN C 87 22.00 3.62 -17.19
N ASP C 88 22.57 2.50 -17.69
CA ASP C 88 24.00 2.38 -17.90
C ASP C 88 24.39 3.42 -18.96
N PHE C 89 25.64 3.87 -18.91
CA PHE C 89 26.15 4.75 -19.95
C PHE C 89 27.65 4.55 -20.14
N VAL C 90 28.06 4.70 -21.39
CA VAL C 90 29.47 4.74 -21.77
C VAL C 90 29.64 5.97 -22.66
N GLY C 91 30.88 6.49 -22.74
CA GLY C 91 31.19 7.63 -23.60
C GLY C 91 31.07 7.22 -25.07
N GLY C 92 30.57 8.11 -25.92
CA GLY C 92 30.60 7.87 -27.34
C GLY C 92 31.30 9.00 -28.09
N PRO C 93 31.19 9.03 -29.44
CA PRO C 93 31.73 10.13 -30.24
C PRO C 93 31.15 11.51 -29.95
N ASN C 94 31.90 12.56 -30.31
CA ASN C 94 31.41 13.94 -30.32
C ASN C 94 30.98 14.40 -28.94
N ASN C 95 31.68 13.92 -27.89
CA ASN C 95 31.38 14.24 -26.50
C ASN C 95 29.96 13.79 -26.14
N SER C 96 29.58 12.59 -26.63
CA SER C 96 28.26 12.00 -26.36
C SER C 96 28.40 11.01 -25.20
N ALA C 97 27.28 10.78 -24.48
CA ALA C 97 27.09 9.60 -23.64
C ALA C 97 25.97 8.75 -24.25
N ILE C 98 26.27 7.48 -24.57
CA ILE C 98 25.26 6.53 -25.01
C ILE C 98 24.68 5.81 -23.78
N LEU C 99 23.36 5.96 -23.59
CA LEU C 99 22.61 5.41 -22.45
C LEU C 99 21.90 4.14 -22.87
N ASN C 100 21.85 3.18 -21.94
CA ASN C 100 21.18 1.90 -22.09
C ASN C 100 20.16 1.77 -20.96
N ASN C 101 18.86 1.90 -21.31
CA ASN C 101 17.80 1.75 -20.32
C ASN C 101 17.83 0.30 -19.83
N CYS C 102 18.05 0.13 -18.52
CA CYS C 102 18.28 -1.19 -17.93
C CYS C 102 17.03 -2.07 -17.95
N THR C 103 15.85 -1.47 -18.09
CA THR C 103 14.59 -2.20 -18.10
C THR C 103 14.13 -2.50 -19.53
N THR C 104 14.30 -1.58 -20.49
CA THR C 104 13.93 -1.83 -21.89
C THR C 104 15.06 -2.43 -22.74
N GLY C 105 16.31 -1.99 -22.50
CA GLY C 105 17.42 -2.27 -23.40
C GLY C 105 17.55 -1.21 -24.51
N GLU C 106 16.75 -0.15 -24.38
CA GLU C 106 16.67 0.95 -25.32
C GLU C 106 17.81 1.94 -25.11
N LYS C 107 18.32 2.40 -26.27
CA LYS C 107 19.53 3.21 -26.39
C LYS C 107 19.15 4.65 -26.71
N ALA C 108 19.93 5.61 -26.18
CA ALA C 108 19.77 7.02 -26.51
C ALA C 108 21.12 7.73 -26.43
N THR C 109 21.38 8.61 -27.39
CA THR C 109 22.59 9.41 -27.42
C THR C 109 22.31 10.74 -26.73
N TRP C 110 23.10 11.05 -25.69
CA TRP C 110 22.95 12.30 -24.93
C TRP C 110 24.21 13.18 -25.05
N TYR C 111 24.04 14.47 -24.70
CA TYR C 111 25.11 15.46 -24.75
C TYR C 111 24.97 16.40 -23.55
N PHE C 112 26.06 17.08 -23.21
CA PHE C 112 26.02 18.13 -22.21
C PHE C 112 26.13 19.50 -22.89
N GLN C 113 25.08 20.30 -22.71
CA GLN C 113 25.07 21.72 -23.04
C GLN C 113 26.18 22.43 -22.28
N TYR C 114 26.27 22.17 -20.97
CA TYR C 114 27.39 22.63 -20.17
C TYR C 114 27.48 21.76 -18.91
N THR C 115 28.65 21.74 -18.28
CA THR C 115 28.81 21.22 -16.93
C THR C 115 29.52 22.25 -16.05
N ASN C 116 29.16 22.26 -14.77
CA ASN C 116 29.86 23.09 -13.83
C ASN C 116 29.87 22.35 -12.50
N LEU C 117 30.66 21.27 -12.44
CA LEU C 117 30.66 20.39 -11.27
C LEU C 117 31.68 20.84 -10.23
N ASN C 118 31.20 20.86 -8.97
CA ASN C 118 32.04 20.90 -7.77
C ASN C 118 32.75 22.26 -7.65
N THR C 119 32.01 23.34 -7.88
CA THR C 119 32.48 24.67 -7.59
C THR C 119 32.31 24.86 -6.09
N PRO C 120 32.84 25.96 -5.53
CA PRO C 120 32.53 26.31 -4.16
C PRO C 120 31.08 26.71 -3.93
N ASN C 121 30.25 26.72 -4.99
CA ASN C 121 28.80 26.93 -4.87
C ASN C 121 28.03 25.65 -5.25
N GLY C 122 28.74 24.51 -5.34
CA GLY C 122 28.15 23.26 -5.73
C GLY C 122 28.23 23.01 -7.24
N SER C 123 27.35 22.11 -7.69
CA SER C 123 27.37 21.55 -9.03
C SER C 123 26.07 21.89 -9.77
N SER C 124 26.21 22.00 -11.09
CA SER C 124 25.05 22.04 -11.97
C SER C 124 25.51 21.62 -13.33
N TYR C 125 24.56 21.16 -14.14
CA TYR C 125 24.76 20.85 -15.54
C TYR C 125 23.39 20.84 -16.22
N CYS C 126 23.40 20.83 -17.56
CA CYS C 126 22.21 20.60 -18.35
C CYS C 126 22.60 19.68 -19.48
N ALA C 127 21.87 18.57 -19.62
CA ALA C 127 22.11 17.58 -20.66
C ALA C 127 20.83 17.43 -21.47
N TYR C 128 20.95 16.81 -22.64
CA TYR C 128 19.85 16.76 -23.59
C TYR C 128 20.08 15.59 -24.54
N THR C 129 18.98 15.11 -25.11
CA THR C 129 18.98 14.14 -26.20
C THR C 129 17.99 14.63 -27.26
N CYS C 130 18.25 14.29 -28.53
CA CYS C 130 17.60 14.92 -29.68
C CYS C 130 16.71 13.92 -30.43
N ASN C 131 15.57 14.44 -30.90
CA ASN C 131 14.83 13.81 -31.98
C ASN C 131 15.07 14.64 -33.26
N GLY C 132 16.17 14.33 -33.96
CA GLY C 132 16.70 15.14 -35.05
C GLY C 132 17.04 16.57 -34.60
N GLU C 133 16.14 17.50 -34.98
CA GLU C 133 16.28 18.93 -34.77
C GLU C 133 15.42 19.41 -33.61
N GLU C 134 14.55 18.54 -33.07
CA GLU C 134 13.86 18.88 -31.84
C GLU C 134 14.50 18.11 -30.68
N ILE C 135 14.25 18.60 -29.47
CA ILE C 135 14.83 18.04 -28.28
C ILE C 135 13.82 17.02 -27.72
N ALA C 136 14.25 15.74 -27.63
CA ALA C 136 13.48 14.65 -27.04
C ALA C 136 13.47 14.71 -25.50
N GLU C 137 14.64 14.90 -24.86
CA GLU C 137 14.64 15.06 -23.41
C GLU C 137 15.70 16.07 -22.96
N TYR C 138 15.43 16.71 -21.82
CA TYR C 138 16.26 17.75 -21.25
C TYR C 138 16.34 17.54 -19.74
N LYS C 139 17.55 17.57 -19.17
CA LYS C 139 17.75 17.36 -17.73
C LYS C 139 18.77 18.38 -17.22
N CYS C 140 18.32 19.33 -16.41
CA CYS C 140 19.20 20.29 -15.78
C CYS C 140 19.26 19.95 -14.30
N ALA C 141 20.45 19.50 -13.86
CA ALA C 141 20.69 19.08 -12.48
C ALA C 141 21.51 20.11 -11.72
N ASN C 142 21.24 20.19 -10.42
CA ASN C 142 22.06 20.96 -9.51
C ASN C 142 21.94 20.40 -8.08
N ASN C 143 22.82 20.88 -7.20
CA ASN C 143 22.73 20.60 -5.76
C ASN C 143 22.87 21.91 -4.98
N ASN C 144 22.44 23.02 -5.61
CA ASN C 144 22.57 24.36 -5.04
C ASN C 144 21.29 25.19 -5.20
N ASN C 145 20.12 24.54 -5.33
CA ASN C 145 18.84 25.25 -5.43
C ASN C 145 18.74 26.17 -6.64
N GLY C 146 19.34 25.78 -7.77
CA GLY C 146 19.20 26.53 -9.01
C GLY C 146 19.88 27.90 -8.98
N THR C 147 21.02 28.06 -8.26
CA THR C 147 21.66 29.38 -8.14
C THR C 147 22.81 29.58 -9.13
N ASP C 148 23.16 28.57 -9.92
CA ASP C 148 24.22 28.72 -10.89
C ASP C 148 23.76 29.60 -12.06
N PRO C 149 24.37 30.79 -12.28
CA PRO C 149 24.00 31.64 -13.41
C PRO C 149 24.05 30.91 -14.75
N LEU C 150 25.01 30.00 -14.94
CA LEU C 150 25.07 29.21 -16.17
C LEU C 150 23.74 28.54 -16.45
N GLN C 151 22.99 28.17 -15.39
CA GLN C 151 21.84 27.30 -15.58
C GLN C 151 20.67 28.07 -16.22
N LYS C 152 20.43 29.31 -15.76
CA LYS C 152 19.41 30.19 -16.32
C LYS C 152 19.64 30.31 -17.83
N GLN C 153 20.89 30.62 -18.22
CA GLN C 153 21.27 30.89 -19.59
C GLN C 153 21.03 29.66 -20.45
N ALA C 154 21.50 28.51 -19.98
CA ALA C 154 21.33 27.26 -20.70
C ALA C 154 19.84 26.95 -20.96
N VAL C 155 18.98 27.25 -19.97
CA VAL C 155 17.57 26.92 -20.07
C VAL C 155 16.90 27.80 -21.14
N GLU C 156 17.10 29.13 -21.05
CA GLU C 156 16.56 30.09 -22.02
C GLU C 156 16.92 29.66 -23.44
N VAL C 157 18.14 29.17 -23.65
CA VAL C 157 18.60 28.74 -24.97
C VAL C 157 17.83 27.49 -25.42
N ALA C 158 17.61 26.53 -24.52
CA ALA C 158 17.13 25.21 -24.92
C ALA C 158 15.63 25.26 -25.23
N LYS C 159 14.91 26.10 -24.46
CA LYS C 159 13.51 26.41 -24.66
C LYS C 159 13.18 26.93 -26.06
N LYS C 160 14.13 27.61 -26.73
CA LYS C 160 13.89 28.21 -28.04
C LYS C 160 14.10 27.18 -29.14
N VAL C 161 14.67 26.02 -28.79
CA VAL C 161 14.86 24.94 -29.74
C VAL C 161 13.50 24.33 -30.01
N PRO C 162 13.26 23.65 -31.16
CA PRO C 162 11.97 23.01 -31.43
C PRO C 162 11.57 21.96 -30.39
N ASN C 163 10.44 22.20 -29.72
CA ASN C 163 9.86 21.30 -28.73
C ASN C 163 10.29 21.75 -27.33
N GLY C 164 11.29 22.65 -27.29
CA GLY C 164 11.85 23.18 -26.05
C GLY C 164 10.84 23.97 -25.23
N ASP C 165 9.66 24.24 -25.81
CA ASP C 165 8.53 24.86 -25.13
C ASP C 165 7.98 23.93 -24.03
N LYS C 166 8.15 22.60 -24.21
CA LYS C 166 7.75 21.62 -23.20
C LYS C 166 8.65 21.64 -21.96
N ILE C 167 9.81 22.31 -22.01
CA ILE C 167 10.74 22.36 -20.89
C ILE C 167 10.13 23.23 -19.81
N HIS C 168 10.09 22.67 -18.58
CA HIS C 168 9.48 23.32 -17.44
C HIS C 168 10.31 23.09 -16.16
N TYR C 169 9.98 23.90 -15.16
CA TYR C 169 10.48 23.75 -13.82
C TYR C 169 9.84 22.52 -13.18
N ALA C 170 10.70 21.70 -12.56
CA ALA C 170 10.38 20.29 -12.30
C ALA C 170 10.13 20.05 -10.83
N LEU C 171 10.11 21.12 -10.02
CA LEU C 171 10.15 20.97 -8.58
C LEU C 171 9.01 21.73 -7.90
N ASP C 172 7.89 21.95 -8.58
CA ASP C 172 6.85 22.83 -8.05
C ASP C 172 6.02 22.20 -6.93
N ASN C 173 5.41 21.02 -7.15
CA ASN C 173 4.43 20.55 -6.18
C ASN C 173 4.81 19.17 -5.70
N CYS C 174 6.02 19.06 -5.14
CA CYS C 174 6.61 17.74 -5.00
C CYS C 174 6.12 17.16 -3.69
N PRO C 175 6.12 15.83 -3.53
CA PRO C 175 5.61 15.27 -2.29
C PRO C 175 6.41 15.70 -1.06
N GLU C 176 5.75 15.62 0.10
CA GLU C 176 6.32 16.03 1.36
C GLU C 176 7.25 14.91 1.84
N HIS C 177 8.26 15.26 2.66
CA HIS C 177 9.33 14.36 3.05
C HIS C 177 9.02 13.76 4.43
N HIS C 178 9.77 12.72 4.81
CA HIS C 178 9.61 12.11 6.13
C HIS C 178 10.97 11.92 6.78
N GLY C 179 11.67 13.05 6.92
CA GLY C 179 12.90 13.15 7.68
C GLY C 179 14.16 12.97 6.84
N CYS C 180 14.03 12.59 5.55
CA CYS C 180 15.21 12.58 4.70
C CYS C 180 15.16 13.85 3.86
N PHE C 181 16.35 14.33 3.51
CA PHE C 181 16.52 15.58 2.78
C PHE C 181 16.32 15.36 1.28
N ALA C 182 16.91 14.31 0.69
CA ALA C 182 16.98 14.22 -0.77
C ALA C 182 16.04 13.15 -1.36
N PHE C 183 15.28 12.46 -0.50
CA PHE C 183 14.43 11.34 -0.89
C PHE C 183 13.10 11.43 -0.12
N TYR C 184 12.01 10.96 -0.75
CA TYR C 184 10.69 11.05 -0.14
C TYR C 184 9.89 9.76 -0.40
N MET D 23 -51.53 -5.24 27.16
CA MET D 23 -50.54 -5.83 26.23
C MET D 23 -49.16 -5.77 26.88
N THR D 24 -48.64 -6.94 27.29
CA THR D 24 -47.31 -7.02 27.89
C THR D 24 -46.31 -7.51 26.81
N CYS D 25 -45.00 -7.22 26.97
CA CYS D 25 -44.02 -7.49 25.92
C CYS D 25 -44.02 -8.96 25.50
N ASP D 26 -44.09 -9.84 26.51
CA ASP D 26 -44.11 -11.29 26.37
C ASP D 26 -45.34 -11.81 25.63
N LYS D 27 -46.33 -10.93 25.36
CA LYS D 27 -47.56 -11.28 24.67
C LYS D 27 -47.57 -10.70 23.26
N LEU D 28 -46.45 -10.11 22.82
CA LEU D 28 -46.38 -9.50 21.50
C LEU D 28 -46.37 -10.60 20.43
N PRO D 29 -46.82 -10.34 19.16
CA PRO D 29 -46.68 -11.32 18.06
C PRO D 29 -45.22 -11.76 17.87
N LYS D 30 -45.07 -13.03 17.47
CA LYS D 30 -43.78 -13.63 17.17
C LYS D 30 -43.89 -14.39 15.84
N VAL D 31 -43.89 -13.64 14.71
CA VAL D 31 -43.95 -14.22 13.37
C VAL D 31 -42.69 -15.05 13.14
N PRO D 32 -42.72 -16.09 12.26
CA PRO D 32 -41.53 -16.84 11.89
C PRO D 32 -40.41 -15.97 11.32
N VAL D 33 -39.17 -16.31 11.68
CA VAL D 33 -38.01 -15.66 11.09
C VAL D 33 -37.98 -16.01 9.59
N PRO D 34 -38.05 -15.03 8.66
CA PRO D 34 -37.80 -15.32 7.25
C PRO D 34 -36.48 -16.04 7.01
N PRO D 35 -36.37 -16.77 5.88
CA PRO D 35 -35.08 -17.35 5.50
C PRO D 35 -34.01 -16.26 5.39
N LEU D 36 -32.76 -16.56 5.77
CA LEU D 36 -31.72 -15.54 5.73
C LEU D 36 -31.63 -14.83 4.37
N GLU D 37 -31.83 -15.59 3.29
CA GLU D 37 -31.80 -15.02 1.95
C GLU D 37 -32.77 -13.85 1.79
N GLU D 38 -33.95 -13.89 2.42
CA GLU D 38 -34.90 -12.76 2.37
C GLU D 38 -34.30 -11.48 3.00
N PHE D 39 -33.60 -11.62 4.14
CA PHE D 39 -32.96 -10.50 4.83
C PHE D 39 -31.85 -9.90 3.98
N ILE D 40 -31.04 -10.78 3.36
CA ILE D 40 -29.92 -10.34 2.54
C ILE D 40 -30.40 -9.61 1.29
N LYS D 41 -31.43 -10.14 0.60
CA LYS D 41 -32.05 -9.45 -0.52
C LYS D 41 -32.57 -8.06 -0.10
N SER D 42 -32.85 -7.82 1.20
CA SER D 42 -33.38 -6.56 1.72
C SER D 42 -32.29 -5.50 1.97
N ASN D 43 -31.01 -5.93 1.98
CA ASN D 43 -29.89 -5.08 2.36
C ASN D 43 -29.75 -3.91 1.40
N PRO D 44 -29.33 -2.73 1.93
CA PRO D 44 -29.34 -2.44 3.37
C PRO D 44 -30.65 -1.83 3.85
N LEU D 45 -30.85 -1.88 5.17
CA LEU D 45 -32.01 -1.25 5.78
C LEU D 45 -31.57 -0.20 6.81
N GLN D 46 -32.51 0.67 7.19
CA GLN D 46 -32.35 1.69 8.23
C GLN D 46 -33.44 1.52 9.29
N PHE D 47 -33.05 1.75 10.56
CA PHE D 47 -34.02 1.76 11.66
C PHE D 47 -34.75 3.11 11.75
N ALA D 48 -36.04 3.07 11.40
CA ALA D 48 -36.96 4.21 11.45
C ALA D 48 -37.45 4.44 12.89
N TYR D 49 -37.69 3.36 13.66
CA TYR D 49 -38.07 3.47 15.06
C TYR D 49 -37.25 2.51 15.89
N VAL D 50 -36.71 3.07 16.97
CA VAL D 50 -35.99 2.28 17.96
C VAL D 50 -36.44 2.76 19.34
N LEU D 51 -36.00 2.03 20.40
CA LEU D 51 -36.34 2.39 21.78
C LEU D 51 -35.23 3.25 22.39
N THR D 52 -34.07 2.65 22.71
CA THR D 52 -32.93 3.38 23.23
C THR D 52 -32.30 4.20 22.09
N ASP D 53 -31.38 5.08 22.50
CA ASP D 53 -30.71 6.01 21.58
C ASP D 53 -29.52 5.32 20.87
N THR D 54 -29.13 4.10 21.29
CA THR D 54 -28.00 3.39 20.70
C THR D 54 -28.15 3.26 19.18
N PHE D 55 -29.39 2.99 18.70
CA PHE D 55 -29.64 2.58 17.32
C PHE D 55 -30.35 3.69 16.53
N ASP D 56 -30.24 4.93 17.04
CA ASP D 56 -30.51 6.11 16.24
C ASP D 56 -29.50 6.14 15.08
N CYS D 57 -29.97 6.64 13.93
CA CYS D 57 -29.13 6.96 12.79
C CYS D 57 -28.35 5.74 12.32
N THR D 58 -28.98 4.55 12.35
CA THR D 58 -28.26 3.30 12.16
C THR D 58 -28.72 2.59 10.88
N THR D 59 -27.75 1.95 10.19
CA THR D 59 -27.97 1.11 9.02
C THR D 59 -27.80 -0.37 9.42
N ARG D 60 -28.72 -1.22 8.94
CA ARG D 60 -28.64 -2.66 9.16
C ARG D 60 -28.20 -3.36 7.86
N VAL D 61 -27.19 -4.21 8.03
CA VAL D 61 -26.76 -5.15 7.00
C VAL D 61 -26.73 -6.55 7.61
N TYR D 62 -27.25 -7.53 6.87
CA TYR D 62 -27.22 -8.94 7.26
C TYR D 62 -26.12 -9.67 6.49
N VAL D 63 -25.36 -10.54 7.19
CA VAL D 63 -24.29 -11.30 6.56
C VAL D 63 -24.55 -12.80 6.75
N GLN D 64 -24.35 -13.57 5.67
CA GLN D 64 -24.31 -15.01 5.78
C GLN D 64 -23.13 -15.42 6.67
N PRO D 65 -23.18 -16.63 7.27
CA PRO D 65 -22.00 -17.20 7.93
C PRO D 65 -20.79 -17.34 6.99
N ALA D 66 -19.58 -17.17 7.56
CA ALA D 66 -18.34 -17.46 6.85
C ALA D 66 -18.32 -18.92 6.38
N ARG D 67 -17.71 -19.13 5.21
CA ARG D 67 -17.50 -20.45 4.64
C ARG D 67 -16.95 -21.42 5.71
N LEU D 68 -15.99 -20.96 6.53
CA LEU D 68 -15.35 -21.84 7.50
C LEU D 68 -15.93 -21.72 8.90
N SER D 69 -17.03 -20.98 9.08
CA SER D 69 -17.68 -20.90 10.39
C SER D 69 -18.13 -22.31 10.78
N PRO D 70 -17.62 -22.87 11.91
CA PRO D 70 -18.05 -24.20 12.34
C PRO D 70 -19.55 -24.22 12.72
N ASN D 71 -20.03 -23.21 13.48
CA ASN D 71 -21.43 -23.15 13.90
C ASN D 71 -22.34 -22.59 12.79
N GLN D 72 -21.79 -21.99 11.73
CA GLN D 72 -22.58 -21.47 10.60
C GLN D 72 -23.64 -20.45 11.07
N ALA D 73 -23.35 -19.64 12.11
CA ALA D 73 -24.26 -18.56 12.50
C ALA D 73 -24.16 -17.38 11.53
N ALA D 74 -25.31 -16.78 11.19
CA ALA D 74 -25.34 -15.52 10.45
C ALA D 74 -25.04 -14.34 11.38
N THR D 75 -24.82 -13.15 10.79
CA THR D 75 -24.44 -11.98 11.57
C THR D 75 -25.25 -10.77 11.12
N ALA D 76 -25.73 -10.05 12.14
CA ALA D 76 -26.37 -8.77 11.95
C ALA D 76 -25.39 -7.65 12.27
N LEU D 77 -25.29 -6.70 11.33
CA LEU D 77 -24.41 -5.54 11.44
C LEU D 77 -25.28 -4.32 11.66
N ASP D 78 -25.03 -3.66 12.81
CA ASP D 78 -25.62 -2.36 13.10
C ASP D 78 -24.52 -1.30 12.98
N ILE D 79 -24.68 -0.41 12.00
CA ILE D 79 -23.67 0.55 11.55
C ILE D 79 -24.18 1.99 11.74
N ARG D 80 -23.36 2.77 12.45
CA ARG D 80 -23.69 4.15 12.81
C ARG D 80 -22.42 4.98 12.55
N GLY D 81 -22.35 5.60 11.36
CA GLY D 81 -21.16 6.27 10.89
C GLY D 81 -19.97 5.32 10.75
N SER D 82 -18.99 5.53 11.64
CA SER D 82 -17.74 4.76 11.69
C SER D 82 -17.75 3.71 12.79
N ARG D 83 -18.88 3.59 13.51
CA ARG D 83 -19.02 2.59 14.58
C ARG D 83 -19.92 1.46 14.09
N ILE D 84 -19.70 0.26 14.64
CA ILE D 84 -20.48 -0.91 14.27
C ILE D 84 -20.66 -1.80 15.49
N ILE D 85 -21.92 -2.25 15.70
CA ILE D 85 -22.28 -3.33 16.62
C ILE D 85 -22.62 -4.57 15.78
N THR D 86 -22.01 -5.68 16.20
CA THR D 86 -22.15 -6.97 15.52
C THR D 86 -22.69 -8.04 16.50
N ASN D 87 -23.57 -8.87 15.91
CA ASN D 87 -24.29 -9.91 16.61
C ASN D 87 -24.46 -11.11 15.66
N ASP D 88 -23.83 -12.23 15.99
CA ASP D 88 -24.21 -13.49 15.40
C ASP D 88 -25.59 -13.86 15.95
N PHE D 89 -26.42 -14.48 15.10
CA PHE D 89 -27.73 -14.94 15.54
C PHE D 89 -27.98 -16.36 15.00
N VAL D 90 -28.76 -17.11 15.79
CA VAL D 90 -29.30 -18.42 15.43
C VAL D 90 -30.79 -18.48 15.82
N GLY D 91 -31.57 -19.30 15.08
CA GLY D 91 -32.94 -19.63 15.45
C GLY D 91 -33.02 -20.24 16.85
N GLY D 92 -34.08 -19.93 17.58
CA GLY D 92 -34.36 -20.57 18.85
C GLY D 92 -35.83 -20.97 18.98
N PRO D 93 -36.22 -21.54 20.14
CA PRO D 93 -37.63 -21.82 20.43
C PRO D 93 -38.59 -20.63 20.31
N ASN D 94 -39.75 -20.88 19.69
CA ASN D 94 -40.89 -19.96 19.71
C ASN D 94 -40.68 -18.79 18.73
N ASN D 95 -40.15 -19.09 17.53
CA ASN D 95 -39.92 -18.10 16.47
C ASN D 95 -38.90 -17.03 16.91
N SER D 96 -37.94 -17.45 17.76
CA SER D 96 -36.96 -16.54 18.36
C SER D 96 -35.66 -16.60 17.55
N ALA D 97 -34.95 -15.46 17.56
CA ALA D 97 -33.54 -15.39 17.20
C ALA D 97 -32.74 -15.17 18.47
N ILE D 98 -31.67 -15.94 18.64
CA ILE D 98 -30.79 -15.79 19.79
C ILE D 98 -29.50 -15.12 19.32
N LEU D 99 -29.21 -13.93 19.86
CA LEU D 99 -28.08 -13.12 19.42
C LEU D 99 -26.91 -13.28 20.40
N ASN D 100 -25.70 -13.36 19.83
CA ASN D 100 -24.43 -13.34 20.56
C ASN D 100 -23.66 -12.10 20.10
N ASN D 101 -23.53 -11.11 21.01
CA ASN D 101 -22.73 -9.92 20.78
C ASN D 101 -21.26 -10.32 20.61
N CYS D 102 -20.68 -9.94 19.47
CA CYS D 102 -19.37 -10.41 19.03
C CYS D 102 -18.22 -9.74 19.79
N THR D 103 -18.50 -8.56 20.36
CA THR D 103 -17.56 -7.78 21.17
C THR D 103 -17.59 -8.21 22.64
N THR D 104 -18.81 -8.39 23.21
CA THR D 104 -18.99 -8.57 24.65
C THR D 104 -19.38 -10.01 25.05
N GLY D 105 -19.86 -10.83 24.10
CA GLY D 105 -20.43 -12.16 24.40
C GLY D 105 -21.84 -12.10 25.01
N GLU D 106 -22.42 -10.90 25.14
CA GLU D 106 -23.75 -10.73 25.69
C GLU D 106 -24.79 -11.45 24.80
N LYS D 107 -25.73 -12.18 25.43
CA LYS D 107 -26.79 -12.88 24.73
C LYS D 107 -28.09 -12.11 24.85
N ALA D 108 -28.99 -12.27 23.87
CA ALA D 108 -30.34 -11.71 23.95
C ALA D 108 -31.30 -12.53 23.09
N THR D 109 -32.53 -12.68 23.59
CA THR D 109 -33.58 -13.37 22.86
C THR D 109 -34.46 -12.31 22.21
N TRP D 110 -34.58 -12.40 20.87
CA TRP D 110 -35.31 -11.45 20.04
C TRP D 110 -36.47 -12.14 19.32
N TYR D 111 -37.47 -11.35 18.92
CA TYR D 111 -38.62 -11.87 18.19
C TYR D 111 -39.01 -10.85 17.13
N PHE D 112 -39.74 -11.31 16.09
CA PHE D 112 -40.30 -10.41 15.09
C PHE D 112 -41.80 -10.18 15.36
N GLN D 113 -42.19 -8.92 15.59
CA GLN D 113 -43.59 -8.50 15.68
C GLN D 113 -44.29 -8.75 14.33
N TYR D 114 -43.59 -8.42 13.24
CA TYR D 114 -43.95 -8.82 11.89
C TYR D 114 -42.72 -8.69 10.97
N THR D 115 -42.80 -9.32 9.79
CA THR D 115 -41.88 -9.04 8.71
C THR D 115 -42.66 -8.82 7.41
N ASN D 116 -42.12 -8.00 6.52
CA ASN D 116 -42.75 -7.81 5.22
C ASN D 116 -41.64 -7.50 4.21
N LEU D 117 -40.80 -8.52 3.98
CA LEU D 117 -39.59 -8.44 3.18
C LEU D 117 -39.92 -8.58 1.68
N ASN D 118 -39.32 -7.68 0.88
CA ASN D 118 -39.17 -7.84 -0.56
C ASN D 118 -40.55 -7.79 -1.23
N THR D 119 -41.41 -6.86 -0.80
CA THR D 119 -42.65 -6.59 -1.50
C THR D 119 -42.28 -5.77 -2.73
N PRO D 120 -43.20 -5.52 -3.69
CA PRO D 120 -42.91 -4.58 -4.77
C PRO D 120 -42.72 -3.12 -4.34
N ASN D 121 -42.93 -2.83 -3.03
CA ASN D 121 -42.67 -1.53 -2.42
C ASN D 121 -41.54 -1.66 -1.41
N GLY D 122 -40.69 -2.71 -1.54
CA GLY D 122 -39.58 -2.89 -0.62
C GLY D 122 -39.94 -3.68 0.62
N SER D 123 -39.06 -3.58 1.62
CA SER D 123 -39.08 -4.41 2.81
C SER D 123 -39.28 -3.54 4.06
N SER D 124 -39.99 -4.11 5.05
CA SER D 124 -39.96 -3.57 6.40
C SER D 124 -40.15 -4.70 7.40
N TYR D 125 -39.79 -4.42 8.65
CA TYR D 125 -40.02 -5.33 9.76
C TYR D 125 -39.89 -4.53 11.06
N CYS D 126 -40.33 -5.18 12.15
CA CYS D 126 -40.18 -4.63 13.49
C CYS D 126 -39.81 -5.81 14.37
N ALA D 127 -38.80 -5.63 15.21
CA ALA D 127 -38.32 -6.66 16.13
C ALA D 127 -38.18 -6.04 17.52
N TYR D 128 -38.01 -6.93 18.50
CA TYR D 128 -38.08 -6.59 19.92
C TYR D 128 -37.38 -7.68 20.74
N THR D 129 -36.83 -7.26 21.87
CA THR D 129 -36.39 -8.13 22.95
C THR D 129 -37.02 -7.57 24.22
N CYS D 130 -37.33 -8.47 25.16
CA CYS D 130 -38.15 -8.18 26.32
C CYS D 130 -37.34 -8.20 27.61
N ASN D 131 -37.81 -7.39 28.56
CA ASN D 131 -37.42 -7.50 29.96
C ASN D 131 -38.67 -7.99 30.73
N GLY D 132 -38.84 -9.32 30.79
CA GLY D 132 -40.11 -9.95 31.17
C GLY D 132 -41.28 -9.35 30.41
N GLU D 133 -41.91 -8.34 31.03
CA GLU D 133 -43.14 -7.70 30.56
C GLU D 133 -42.86 -6.34 29.93
N GLU D 134 -41.70 -5.77 30.25
CA GLU D 134 -41.21 -4.53 29.63
C GLU D 134 -40.49 -4.87 28.32
N ILE D 135 -40.53 -3.95 27.38
CA ILE D 135 -39.76 -4.08 26.14
C ILE D 135 -38.37 -3.46 26.35
N ALA D 136 -37.31 -4.30 26.30
CA ALA D 136 -35.92 -3.87 26.51
C ALA D 136 -35.39 -3.08 25.29
N GLU D 137 -35.61 -3.59 24.06
CA GLU D 137 -35.19 -2.88 22.86
C GLU D 137 -36.19 -3.14 21.72
N TYR D 138 -36.32 -2.16 20.83
CA TYR D 138 -37.21 -2.20 19.68
C TYR D 138 -36.46 -1.69 18.45
N LYS D 139 -36.65 -2.37 17.32
CA LYS D 139 -36.05 -1.98 16.04
C LYS D 139 -37.05 -2.23 14.92
N CYS D 140 -37.44 -1.15 14.25
CA CYS D 140 -38.25 -1.24 13.05
C CYS D 140 -37.40 -0.77 11.88
N ALA D 141 -37.13 -1.69 10.94
CA ALA D 141 -36.28 -1.44 9.79
C ALA D 141 -37.10 -1.38 8.51
N ASN D 142 -36.59 -0.62 7.55
CA ASN D 142 -37.19 -0.55 6.23
C ASN D 142 -36.16 -0.05 5.23
N ASN D 143 -36.51 -0.17 3.95
CA ASN D 143 -35.80 0.43 2.85
C ASN D 143 -36.78 1.15 1.93
N ASN D 144 -37.90 1.63 2.50
CA ASN D 144 -38.93 2.32 1.73
C ASN D 144 -39.34 3.64 2.39
N ASN D 145 -38.47 4.20 3.25
CA ASN D 145 -38.71 5.35 4.12
C ASN D 145 -40.08 5.30 4.80
N GLY D 146 -40.36 4.20 5.49
CA GLY D 146 -41.49 4.10 6.39
C GLY D 146 -42.85 4.16 5.71
N THR D 147 -42.95 3.85 4.39
CA THR D 147 -44.22 3.85 3.67
C THR D 147 -45.04 2.57 3.90
N ASP D 148 -44.49 1.53 4.57
CA ASP D 148 -45.22 0.28 4.78
C ASP D 148 -46.28 0.45 5.89
N PRO D 149 -47.59 0.36 5.57
CA PRO D 149 -48.66 0.52 6.57
C PRO D 149 -48.52 -0.37 7.81
N LEU D 150 -47.89 -1.55 7.64
CA LEU D 150 -47.68 -2.46 8.75
C LEU D 150 -46.79 -1.83 9.82
N GLN D 151 -45.86 -0.92 9.42
CA GLN D 151 -44.94 -0.33 10.40
C GLN D 151 -45.66 0.63 11.35
N LYS D 152 -46.53 1.50 10.80
CA LYS D 152 -47.39 2.41 11.57
C LYS D 152 -48.12 1.65 12.67
N GLN D 153 -48.94 0.69 12.26
CA GLN D 153 -49.74 -0.15 13.14
C GLN D 153 -48.85 -0.82 14.21
N ALA D 154 -47.68 -1.34 13.81
CA ALA D 154 -46.83 -2.12 14.70
C ALA D 154 -46.26 -1.20 15.80
N VAL D 155 -45.94 0.04 15.41
CA VAL D 155 -45.26 0.95 16.30
C VAL D 155 -46.22 1.42 17.39
N GLU D 156 -47.43 1.86 16.99
CA GLU D 156 -48.48 2.25 17.93
C GLU D 156 -48.74 1.15 18.95
N VAL D 157 -48.80 -0.11 18.49
CA VAL D 157 -49.00 -1.25 19.37
C VAL D 157 -47.83 -1.40 20.34
N ALA D 158 -46.60 -1.18 19.85
CA ALA D 158 -45.41 -1.38 20.67
C ALA D 158 -45.29 -0.28 21.73
N LYS D 159 -45.80 0.92 21.39
CA LYS D 159 -45.67 2.10 22.23
C LYS D 159 -46.47 1.96 23.52
N LYS D 160 -47.52 1.13 23.52
CA LYS D 160 -48.40 0.92 24.66
C LYS D 160 -47.97 -0.29 25.48
N VAL D 161 -46.74 -0.77 25.27
CA VAL D 161 -46.18 -1.82 26.11
C VAL D 161 -45.40 -1.10 27.22
N PRO D 162 -45.24 -1.66 28.45
CA PRO D 162 -44.41 -1.00 29.48
C PRO D 162 -42.99 -0.70 29.00
N ASN D 163 -42.65 0.60 28.98
CA ASN D 163 -41.36 1.15 28.52
C ASN D 163 -41.43 1.46 27.03
N GLY D 164 -42.58 1.22 26.40
CA GLY D 164 -42.80 1.53 25.00
C GLY D 164 -42.97 3.02 24.75
N ASP D 165 -42.99 3.80 25.85
CA ASP D 165 -43.04 5.25 25.77
C ASP D 165 -41.71 5.76 25.19
N LYS D 166 -40.60 5.04 25.45
CA LYS D 166 -39.27 5.44 24.99
C LYS D 166 -39.10 5.34 23.47
N ILE D 167 -39.90 4.50 22.82
CA ILE D 167 -39.83 4.26 21.37
C ILE D 167 -40.03 5.56 20.58
N HIS D 168 -39.10 5.85 19.67
CA HIS D 168 -39.06 7.14 18.98
C HIS D 168 -38.54 6.96 17.55
N TYR D 169 -39.00 7.85 16.67
CA TYR D 169 -38.36 8.06 15.36
C TYR D 169 -36.86 8.26 15.53
N ALA D 170 -36.06 7.50 14.74
CA ALA D 170 -34.65 7.29 15.02
C ALA D 170 -33.79 8.07 14.05
N LEU D 171 -34.42 8.82 13.13
CA LEU D 171 -33.74 9.36 11.97
C LEU D 171 -33.80 10.89 11.91
N ASP D 172 -34.01 11.58 13.05
CA ASP D 172 -34.28 13.02 13.03
C ASP D 172 -33.02 13.85 12.69
N ASN D 173 -32.01 13.75 13.54
CA ASN D 173 -30.92 14.72 13.54
C ASN D 173 -29.62 14.02 13.19
N CYS D 174 -29.58 13.44 11.99
CA CYS D 174 -28.53 12.48 11.68
C CYS D 174 -27.40 13.19 10.96
N PRO D 175 -26.13 12.80 11.20
CA PRO D 175 -24.98 13.50 10.60
C PRO D 175 -25.14 13.67 9.08
N GLU D 176 -24.49 14.70 8.54
CA GLU D 176 -24.56 14.90 7.09
C GLU D 176 -23.67 13.83 6.45
N HIS D 177 -24.01 13.52 5.19
CA HIS D 177 -23.35 12.51 4.37
C HIS D 177 -22.24 13.18 3.59
N HIS D 178 -21.42 12.36 2.90
CA HIS D 178 -20.34 12.82 2.04
C HIS D 178 -20.27 11.95 0.79
N GLY D 179 -21.42 11.83 0.14
CA GLY D 179 -21.51 11.28 -1.21
C GLY D 179 -22.05 9.85 -1.26
N CYS D 180 -22.30 9.23 -0.09
CA CYS D 180 -22.87 7.88 -0.04
C CYS D 180 -24.34 7.97 0.40
N PHE D 181 -25.21 7.11 -0.16
CA PHE D 181 -26.62 7.14 0.19
C PHE D 181 -26.86 6.59 1.59
N ALA D 182 -26.31 5.41 1.91
CA ALA D 182 -26.80 4.64 3.04
C ALA D 182 -25.82 4.65 4.23
N PHE D 183 -24.72 5.41 4.10
CA PHE D 183 -23.64 5.45 5.08
C PHE D 183 -23.06 6.86 5.12
N TYR D 184 -22.52 7.22 6.29
CA TYR D 184 -22.01 8.57 6.57
C TYR D 184 -20.73 8.45 7.40
#